data_3K37
#
_entry.id   3K37
#
_cell.length_a   88.645
_cell.length_b   88.645
_cell.length_c   207.523
_cell.angle_alpha   90.00
_cell.angle_beta   90.00
_cell.angle_gamma   90.00
#
_symmetry.space_group_name_H-M   'I 4'
#
loop_
_entity.id
_entity.type
_entity.pdbx_description
1 polymer Neuraminidase
2 branched 2-acetamido-2-deoxy-beta-D-glucopyranose-(1-4)-2-acetamido-2-deoxy-beta-D-glucopyranose
3 non-polymer 'CALCIUM ION'
4 non-polymer '3-(1-ACETYLAMINO-2-ETHYL-BUTYL)-4-GUANIDINO-2-HYDROXY-CYCLOPENTANECARBOXYLIC ACID'
5 water water
#
_entity_poly.entity_id   1
_entity_poly.type   'polypeptide(L)'
_entity_poly.pdbx_seq_one_letter_code
;GVTLLLPEPEWTYPRLSCPGSTFQKALLISPHRFGETKGNSAPLIIREPFIACGPKECKHFALTHYAAQPGGYYNGTRGD
RNKLRHLISVKLGKIPTVENSIFHMAAWSGSACHDGKEWTYIGVDGPDNNALLKIKYGEAYTDTYHSYANNILRTQESAC
NCIGGNCYLMITDGSASGISECRFLKIREGRIIKEIFPTGRVKHTEECTCGFASNKTIECACRDNSYTAKRPFVKLNVET
DTAEIRLMCTETYLDTPRPDDGSITGPCESNGDKGSGGIKGGFVHQRMASKIGRWYSRTMSKTKRMGMGLYVKYDGDPWT
DSDALALSGVMVSMEEPGWYSFGFEIKDKKCDVPCIGIEMVHDGGKETWHSAATAIYCLMGSGQLLWDTVTGVDMAL
;
_entity_poly.pdbx_strand_id   A,B
#
# COMPACT_ATOMS: atom_id res chain seq x y z
N PRO A 9 -22.95 -16.34 39.15
CA PRO A 9 -23.38 -15.24 38.26
C PRO A 9 -24.25 -15.74 37.09
N GLU A 10 -25.04 -14.85 36.51
CA GLU A 10 -26.07 -15.26 35.54
C GLU A 10 -25.61 -15.04 34.09
N TRP A 11 -26.15 -15.85 33.16
CA TRP A 11 -25.88 -15.66 31.73
C TRP A 11 -26.39 -14.30 31.31
N THR A 12 -25.64 -13.66 30.41
CA THR A 12 -26.05 -12.39 29.83
C THR A 12 -26.96 -12.60 28.62
N TYR A 13 -27.79 -11.59 28.37
CA TYR A 13 -28.70 -11.50 27.23
C TYR A 13 -28.57 -10.09 26.70
N PRO A 14 -28.80 -9.89 25.39
CA PRO A 14 -28.88 -8.52 24.88
C PRO A 14 -30.01 -7.76 25.59
N ARG A 15 -29.73 -6.54 26.03
CA ARG A 15 -30.77 -5.69 26.62
C ARG A 15 -31.17 -4.55 25.69
N LEU A 16 -32.15 -3.76 26.14
CA LEU A 16 -32.47 -2.49 25.49
C LEU A 16 -31.21 -1.63 25.57
N SER A 17 -30.90 -0.90 24.49
CA SER A 17 -29.75 0.01 24.48
C SER A 17 -29.94 1.22 25.41
N CYS A 18 -28.84 1.72 25.95
CA CYS A 18 -28.87 2.99 26.67
C CYS A 18 -29.39 4.11 25.76
N PRO A 19 -29.99 5.17 26.37
CA PRO A 19 -30.50 6.28 25.56
C PRO A 19 -29.36 7.00 24.81
N GLY A 20 -29.69 7.57 23.65
CA GLY A 20 -28.71 8.22 22.80
C GLY A 20 -29.18 8.28 21.37
N SER A 21 -28.71 9.28 20.62
CA SER A 21 -29.07 9.43 19.21
C SER A 21 -27.88 9.78 18.30
N THR A 22 -26.67 9.75 18.84
CA THR A 22 -25.48 10.06 18.05
C THR A 22 -24.31 9.34 18.68
N PHE A 23 -23.26 9.08 17.90
CA PHE A 23 -21.99 8.57 18.44
C PHE A 23 -21.04 9.75 18.64
N GLN A 24 -20.04 9.56 19.49
CA GLN A 24 -19.04 10.59 19.75
C GLN A 24 -17.74 9.89 19.94
N LYS A 25 -16.65 10.62 19.72
CA LYS A 25 -15.31 10.09 19.88
C LYS A 25 -15.10 9.73 21.34
N ALA A 26 -14.65 8.50 21.62
CA ALA A 26 -14.53 8.05 23.00
C ALA A 26 -13.10 7.88 23.45
N LEU A 27 -12.33 7.08 22.73
CA LEU A 27 -11.03 6.64 23.24
C LEU A 27 -10.14 6.25 22.07
N LEU A 28 -8.90 6.71 22.08
CA LEU A 28 -7.87 6.23 21.16
C LEU A 28 -6.83 5.46 21.96
N ILE A 29 -6.44 4.28 21.44
CA ILE A 29 -5.34 3.49 21.97
C ILE A 29 -4.29 3.48 20.86
N SER A 30 -3.21 4.21 21.04
CA SER A 30 -2.23 4.40 19.97
C SER A 30 -0.87 3.95 20.47
N PRO A 31 -0.68 2.63 20.61
CA PRO A 31 0.47 2.15 21.38
C PRO A 31 1.82 2.60 20.77
N HIS A 32 1.88 2.87 19.47
CA HIS A 32 3.13 3.31 18.79
C HIS A 32 3.50 4.79 18.97
N ARG A 33 2.63 5.54 19.66
CA ARG A 33 3.02 6.85 20.23
C ARG A 33 4.15 6.76 21.27
N PHE A 34 4.44 5.53 21.72
CA PHE A 34 5.49 5.25 22.68
C PHE A 34 6.53 4.29 22.11
N GLY A 35 6.59 4.18 20.79
CA GLY A 35 7.51 3.23 20.14
C GLY A 35 8.79 3.81 19.54
N GLU A 36 9.14 5.04 19.90
CA GLU A 36 10.31 5.68 19.30
C GLU A 36 11.61 4.95 19.65
N THR A 37 12.56 5.02 18.73
CA THR A 37 13.94 4.64 18.99
C THR A 37 14.45 5.35 20.26
N LYS A 38 14.23 6.66 20.35
CA LYS A 38 14.63 7.46 21.53
C LYS A 38 13.84 7.14 22.83
N GLY A 39 12.76 6.37 22.72
CA GLY A 39 11.86 6.06 23.85
C GLY A 39 12.25 4.80 24.61
N ASN A 40 11.47 4.45 25.64
CA ASN A 40 11.79 3.30 26.48
C ASN A 40 10.64 2.30 26.60
N SER A 41 9.75 2.27 25.62
CA SER A 41 8.54 1.43 25.75
C SER A 41 8.54 0.26 24.75
N ALA A 42 7.60 -0.67 24.94
CA ALA A 42 7.54 -1.90 24.15
C ALA A 42 6.14 -2.15 23.62
N PRO A 43 5.57 -1.21 22.85
CA PRO A 43 4.23 -1.59 22.36
C PRO A 43 4.33 -2.79 21.41
N LEU A 44 3.36 -3.71 21.50
CA LEU A 44 3.31 -4.89 20.64
C LEU A 44 2.92 -4.53 19.21
N ILE A 45 3.62 -5.14 18.26
CA ILE A 45 3.19 -5.11 16.87
C ILE A 45 1.98 -6.03 16.67
N ILE A 46 0.91 -5.49 16.11
CA ILE A 46 -0.38 -6.21 16.05
C ILE A 46 -1.16 -5.83 14.80
N ARG A 47 -2.27 -6.52 14.58
CA ARG A 47 -3.27 -6.09 13.62
C ARG A 47 -4.53 -6.82 14.04
N GLU A 48 -5.61 -6.59 13.29
CA GLU A 48 -6.93 -7.16 13.57
C GLU A 48 -7.36 -6.99 15.02
N PRO A 49 -7.29 -5.74 15.56
CA PRO A 49 -7.77 -5.55 16.93
C PRO A 49 -9.30 -5.63 16.97
N PHE A 50 -9.85 -6.06 18.09
CA PHE A 50 -11.27 -5.92 18.32
C PHE A 50 -11.48 -5.77 19.81
N ILE A 51 -12.71 -5.45 20.23
CA ILE A 51 -13.01 -5.27 21.65
C ILE A 51 -14.23 -6.12 21.99
N ALA A 52 -14.27 -6.70 23.19
CA ALA A 52 -15.42 -7.52 23.65
C ALA A 52 -15.60 -7.23 25.13
N CYS A 53 -16.83 -7.15 25.60
CA CYS A 53 -17.06 -6.80 27.01
C CYS A 53 -17.91 -7.84 27.73
N GLY A 54 -17.59 -8.09 29.00
CA GLY A 54 -18.50 -8.77 29.94
C GLY A 54 -19.24 -7.74 30.79
N PRO A 55 -19.96 -8.21 31.84
CA PRO A 55 -20.63 -7.33 32.82
C PRO A 55 -19.72 -6.24 33.42
N LYS A 56 -18.46 -6.57 33.70
CA LYS A 56 -17.62 -5.67 34.52
C LYS A 56 -16.55 -4.92 33.75
N GLU A 57 -16.22 -5.41 32.56
CA GLU A 57 -14.93 -5.10 31.98
C GLU A 57 -14.94 -5.33 30.49
N CYS A 58 -14.23 -4.47 29.76
CA CYS A 58 -14.00 -4.66 28.35
C CYS A 58 -12.53 -5.05 28.15
N LYS A 59 -12.29 -5.97 27.21
CA LYS A 59 -10.94 -6.36 26.84
C LYS A 59 -10.63 -5.94 25.39
N HIS A 60 -9.41 -5.47 25.17
CA HIS A 60 -8.96 -5.02 23.85
C HIS A 60 -8.08 -6.11 23.30
N PHE A 61 -8.60 -6.84 22.33
CA PHE A 61 -7.91 -7.96 21.73
C PHE A 61 -7.15 -7.56 20.47
N ALA A 62 -6.14 -8.34 20.09
CA ALA A 62 -5.49 -8.20 18.79
C ALA A 62 -4.66 -9.44 18.48
N LEU A 63 -4.19 -9.52 17.24
CA LEU A 63 -3.35 -10.61 16.80
C LEU A 63 -1.95 -10.07 16.66
N THR A 64 -1.06 -10.41 17.60
CA THR A 64 0.31 -9.89 17.58
C THR A 64 1.18 -10.65 16.59
N HIS A 65 2.21 -10.01 16.06
CA HIS A 65 3.26 -10.74 15.41
C HIS A 65 4.35 -11.16 16.41
N TYR A 66 4.03 -11.11 17.72
CA TYR A 66 4.97 -11.52 18.78
C TYR A 66 6.28 -10.74 18.62
N ALA A 67 6.17 -9.44 18.41
CA ALA A 67 7.35 -8.59 18.21
C ALA A 67 6.95 -7.22 18.75
N ALA A 68 7.94 -6.40 19.07
CA ALA A 68 7.67 -5.08 19.64
C ALA A 68 8.38 -4.03 18.80
N GLN A 69 7.95 -2.76 18.94
CA GLN A 69 8.70 -1.60 18.47
C GLN A 69 9.13 -0.70 19.64
N PRO A 70 10.43 -0.31 19.70
CA PRO A 70 11.47 -0.72 18.74
C PRO A 70 11.90 -2.17 18.94
N GLY A 71 12.50 -2.76 17.90
CA GLY A 71 12.77 -4.22 17.90
C GLY A 71 13.51 -4.64 16.64
N GLY A 72 13.89 -5.91 16.59
CA GLY A 72 14.62 -6.45 15.43
C GLY A 72 13.78 -7.36 14.54
N TYR A 73 12.50 -7.49 14.83
CA TYR A 73 11.69 -8.48 14.12
C TYR A 73 10.57 -7.89 13.25
N TYR A 74 10.89 -6.80 12.54
CA TYR A 74 9.87 -6.12 11.72
C TYR A 74 9.48 -6.93 10.51
N ASN A 75 10.43 -7.72 10.03
CA ASN A 75 10.28 -8.40 8.78
C ASN A 75 9.30 -9.53 8.94
N GLY A 76 8.23 -9.49 8.14
CA GLY A 76 7.16 -10.51 8.14
C GLY A 76 5.88 -9.96 8.75
N THR A 77 6.02 -8.79 9.35
CA THR A 77 5.03 -8.23 10.21
C THR A 77 3.86 -7.64 9.37
N ARG A 78 4.12 -7.38 8.09
CA ARG A 78 3.05 -7.10 7.14
C ARG A 78 2.28 -8.36 6.74
N GLY A 79 2.71 -9.53 7.19
CA GLY A 79 2.14 -10.81 6.71
C GLY A 79 0.90 -11.21 7.48
N ASP A 80 0.10 -12.09 6.89
CA ASP A 80 -1.17 -12.45 7.50
C ASP A 80 -1.11 -13.60 8.50
N ARG A 81 -0.36 -14.64 8.13
CA ARG A 81 -0.33 -15.89 8.88
C ARG A 81 1.11 -16.38 8.98
N ASN A 82 1.50 -16.80 10.18
CA ASN A 82 2.78 -17.47 10.44
C ASN A 82 2.63 -18.26 11.76
N LYS A 83 3.68 -18.95 12.21
CA LYS A 83 3.64 -19.79 13.42
C LYS A 83 3.87 -19.05 14.74
N LEU A 84 4.13 -17.74 14.67
CA LEU A 84 4.37 -16.90 15.86
C LEU A 84 3.16 -16.06 16.29
N ARG A 85 2.31 -15.70 15.32
CA ARG A 85 1.12 -14.88 15.55
C ARG A 85 0.26 -15.44 16.72
N HIS A 86 -0.14 -14.60 17.70
CA HIS A 86 -0.98 -15.00 18.88
C HIS A 86 -2.12 -14.04 19.14
N LEU A 87 -3.23 -14.56 19.68
CA LEU A 87 -4.30 -13.72 20.23
C LEU A 87 -3.90 -13.19 21.60
N ILE A 88 -3.90 -11.87 21.76
CA ILE A 88 -3.57 -11.24 23.03
C ILE A 88 -4.70 -10.29 23.48
N SER A 89 -4.74 -9.99 24.78
CA SER A 89 -5.55 -8.87 25.28
C SER A 89 -4.89 -8.06 26.38
N VAL A 90 -5.48 -6.88 26.57
CA VAL A 90 -5.33 -6.06 27.79
C VAL A 90 -6.74 -5.62 28.16
N LYS A 91 -6.93 -5.22 29.42
CA LYS A 91 -8.17 -4.54 29.80
C LYS A 91 -8.24 -3.29 28.93
N LEU A 92 -9.43 -2.94 28.42
CA LEU A 92 -9.57 -1.74 27.56
C LEU A 92 -9.16 -0.46 28.32
N GLY A 93 -8.34 0.36 27.69
CA GLY A 93 -7.78 1.51 28.35
C GLY A 93 -6.30 1.37 28.70
N LYS A 94 -5.79 0.14 28.71
CA LYS A 94 -4.34 -0.10 28.92
C LYS A 94 -3.58 -0.12 27.58
N ILE A 95 -2.33 0.30 27.55
CA ILE A 95 -1.52 0.19 26.32
C ILE A 95 -1.05 -1.29 26.16
N PRO A 96 -1.44 -1.94 25.05
CA PRO A 96 -1.03 -3.33 24.89
C PRO A 96 0.47 -3.40 24.58
N THR A 97 1.25 -3.59 25.63
CA THR A 97 2.70 -3.70 25.54
C THR A 97 3.10 -5.12 25.82
N VAL A 98 4.39 -5.42 25.68
CA VAL A 98 4.97 -6.74 26.04
C VAL A 98 4.53 -7.18 27.44
N GLU A 99 4.49 -6.25 28.38
CA GLU A 99 4.26 -6.62 29.78
C GLU A 99 2.82 -6.56 30.24
N ASN A 100 2.06 -5.58 29.73
CA ASN A 100 0.64 -5.44 30.05
C ASN A 100 -0.24 -6.55 29.44
N SER A 101 0.21 -7.07 28.31
CA SER A 101 -0.57 -8.05 27.54
C SER A 101 -0.59 -9.43 28.15
N ILE A 102 -1.67 -10.17 27.90
CA ILE A 102 -1.67 -11.60 28.14
C ILE A 102 -1.78 -12.30 26.79
N PHE A 103 -1.07 -13.42 26.63
CA PHE A 103 -1.10 -14.20 25.41
C PHE A 103 -2.04 -15.37 25.63
N HIS A 104 -3.18 -15.36 24.94
CA HIS A 104 -4.20 -16.39 25.15
C HIS A 104 -3.90 -17.70 24.44
N MET A 105 -3.41 -17.61 23.20
CA MET A 105 -3.18 -18.79 22.39
C MET A 105 -2.58 -18.41 21.05
N ALA A 106 -1.91 -19.39 20.43
CA ALA A 106 -1.42 -19.26 19.08
C ALA A 106 -2.62 -19.07 18.13
N ALA A 107 -2.58 -17.99 17.34
CA ALA A 107 -3.66 -17.67 16.41
C ALA A 107 -3.23 -16.67 15.36
N TRP A 108 -3.68 -16.93 14.13
CA TRP A 108 -3.53 -15.93 13.10
C TRP A 108 -4.88 -15.44 12.61
N SER A 109 -5.93 -15.91 13.27
CA SER A 109 -7.29 -15.38 13.08
C SER A 109 -8.03 -15.55 14.42
N GLY A 110 -8.73 -14.50 14.88
CA GLY A 110 -9.34 -14.56 16.21
C GLY A 110 -10.77 -14.11 16.46
N SER A 111 -11.27 -14.43 17.65
CA SER A 111 -12.55 -13.93 18.19
C SER A 111 -12.59 -14.18 19.73
N ALA A 112 -13.36 -13.38 20.46
CA ALA A 112 -13.68 -13.67 21.87
C ALA A 112 -15.03 -13.08 22.27
N CYS A 113 -15.52 -13.49 23.44
CA CYS A 113 -16.82 -13.02 23.93
C CYS A 113 -17.01 -13.59 25.32
N HIS A 114 -17.77 -12.87 26.16
CA HIS A 114 -18.10 -13.27 27.53
C HIS A 114 -19.57 -13.69 27.55
N ASP A 115 -19.89 -14.76 28.29
CA ASP A 115 -21.28 -15.27 28.33
C ASP A 115 -22.05 -14.89 29.62
N GLY A 116 -21.44 -14.02 30.43
CA GLY A 116 -21.96 -13.67 31.75
C GLY A 116 -21.20 -14.31 32.90
N LYS A 117 -20.59 -15.47 32.63
CA LYS A 117 -19.90 -16.27 33.65
C LYS A 117 -18.43 -16.36 33.37
N GLU A 118 -18.07 -16.47 32.10
CA GLU A 118 -16.68 -16.67 31.74
C GLU A 118 -16.38 -16.26 30.29
N TRP A 119 -15.08 -16.10 30.00
CA TRP A 119 -14.59 -15.72 28.68
C TRP A 119 -14.34 -16.93 27.78
N THR A 120 -14.88 -16.85 26.56
CA THR A 120 -14.53 -17.81 25.51
C THR A 120 -13.51 -17.13 24.56
N TYR A 121 -12.38 -17.79 24.30
CA TYR A 121 -11.40 -17.26 23.37
C TYR A 121 -11.27 -18.16 22.14
N ILE A 122 -11.22 -17.55 20.96
CA ILE A 122 -11.16 -18.31 19.69
C ILE A 122 -9.91 -17.94 18.91
N GLY A 123 -9.16 -18.96 18.51
CA GLY A 123 -7.98 -18.73 17.71
C GLY A 123 -7.74 -19.80 16.66
N VAL A 124 -7.57 -19.37 15.42
CA VAL A 124 -7.26 -20.30 14.33
C VAL A 124 -5.77 -20.28 14.03
N ASP A 125 -5.18 -21.46 14.00
CA ASP A 125 -3.86 -21.63 13.41
C ASP A 125 -3.83 -22.93 12.61
N GLY A 126 -2.64 -23.27 12.11
CA GLY A 126 -2.43 -24.47 11.30
C GLY A 126 -1.86 -24.11 9.93
N PRO A 127 -1.59 -25.14 9.08
CA PRO A 127 -1.19 -24.86 7.72
C PRO A 127 -2.41 -24.35 6.93
N ASP A 128 -2.16 -23.58 5.88
CA ASP A 128 -3.23 -23.01 5.05
C ASP A 128 -4.20 -24.08 4.55
N ASN A 129 -3.67 -25.25 4.18
CA ASN A 129 -4.48 -26.30 3.58
C ASN A 129 -5.25 -27.14 4.60
N ASN A 130 -5.02 -26.93 5.89
CA ASN A 130 -5.70 -27.73 6.90
C ASN A 130 -5.69 -27.06 8.25
N ALA A 131 -6.28 -25.86 8.31
CA ALA A 131 -6.14 -25.04 9.52
C ALA A 131 -7.14 -25.45 10.62
N LEU A 132 -6.96 -24.89 11.81
CA LEU A 132 -7.67 -25.41 12.95
C LEU A 132 -8.16 -24.32 13.90
N LEU A 133 -9.46 -24.32 14.18
CA LEU A 133 -10.05 -23.38 15.11
C LEU A 133 -10.02 -23.99 16.51
N LYS A 134 -9.49 -23.23 17.47
CA LYS A 134 -9.30 -23.68 18.81
C LYS A 134 -10.15 -22.81 19.72
N ILE A 135 -10.66 -23.41 20.78
CA ILE A 135 -11.51 -22.73 21.74
C ILE A 135 -11.00 -22.91 23.16
N LYS A 136 -10.95 -21.79 23.87
CA LYS A 136 -10.46 -21.73 25.22
C LYS A 136 -11.59 -21.14 26.06
N TYR A 137 -11.93 -21.81 27.16
CA TYR A 137 -12.93 -21.29 28.09
C TYR A 137 -12.18 -20.95 29.38
N GLY A 138 -11.93 -19.66 29.59
CA GLY A 138 -11.05 -19.23 30.68
C GLY A 138 -9.66 -19.74 30.40
N GLU A 139 -9.15 -20.56 31.33
CA GLU A 139 -7.81 -21.11 31.26
C GLU A 139 -7.76 -22.37 30.40
N ALA A 140 -8.88 -23.10 30.34
CA ALA A 140 -8.92 -24.43 29.73
C ALA A 140 -9.14 -24.37 28.21
N TYR A 141 -8.22 -25.02 27.48
CA TYR A 141 -8.44 -25.39 26.08
C TYR A 141 -9.46 -26.50 26.06
N THR A 142 -10.45 -26.36 25.20
CA THR A 142 -11.75 -26.90 25.43
C THR A 142 -12.34 -27.62 24.19
N ASP A 143 -12.14 -27.07 22.99
CA ASP A 143 -12.61 -27.71 21.76
C ASP A 143 -11.83 -27.27 20.51
N THR A 144 -12.00 -28.02 19.42
CA THR A 144 -11.53 -27.56 18.10
C THR A 144 -12.55 -27.77 16.98
N TYR A 145 -12.32 -27.11 15.86
CA TYR A 145 -13.11 -27.29 14.65
C TYR A 145 -12.16 -27.32 13.44
N HIS A 146 -12.41 -28.24 12.51
CA HIS A 146 -11.55 -28.53 11.37
C HIS A 146 -11.91 -27.80 10.09
N SER A 147 -10.89 -27.60 9.25
CA SER A 147 -11.03 -27.02 7.92
C SER A 147 -11.92 -27.88 7.06
N TYR A 148 -12.97 -27.27 6.49
CA TYR A 148 -13.95 -27.99 5.65
C TYR A 148 -13.78 -27.72 4.17
N ALA A 149 -12.99 -26.72 3.80
CA ALA A 149 -12.71 -26.46 2.38
C ALA A 149 -11.21 -26.38 2.14
N ASN A 150 -10.44 -26.70 3.18
CA ASN A 150 -8.99 -26.87 3.05
C ASN A 150 -8.28 -25.67 2.42
N ASN A 151 -8.74 -24.48 2.78
CA ASN A 151 -8.19 -23.25 2.25
C ASN A 151 -8.37 -22.10 3.23
N ILE A 152 -7.41 -22.02 4.16
CA ILE A 152 -7.32 -20.95 5.14
C ILE A 152 -8.63 -20.80 5.94
N LEU A 153 -9.02 -21.84 6.70
CA LEU A 153 -10.12 -21.69 7.68
C LEU A 153 -9.89 -20.43 8.56
N ARG A 154 -10.96 -19.70 8.84
CA ARG A 154 -10.91 -18.28 9.21
C ARG A 154 -12.06 -17.88 10.11
N THR A 155 -11.90 -16.87 10.95
CA THR A 155 -13.04 -16.37 11.73
C THR A 155 -13.22 -14.81 11.70
N GLN A 156 -14.02 -14.28 12.62
CA GLN A 156 -14.57 -12.92 12.54
C GLN A 156 -13.57 -11.76 12.63
N GLU A 157 -12.50 -11.92 13.42
CA GLU A 157 -11.68 -10.78 13.87
C GLU A 157 -12.49 -9.74 14.66
N SER A 158 -13.54 -10.23 15.34
CA SER A 158 -14.40 -9.40 16.21
C SER A 158 -15.20 -10.29 17.16
N ALA A 159 -15.96 -9.70 18.08
CA ALA A 159 -16.57 -10.47 19.17
C ALA A 159 -17.66 -11.47 18.74
N CYS A 160 -17.62 -12.67 19.34
CA CYS A 160 -18.73 -13.61 19.23
C CYS A 160 -19.87 -13.07 20.10
N ASN A 161 -21.03 -13.70 20.04
CA ASN A 161 -22.17 -13.15 20.75
C ASN A 161 -22.87 -14.24 21.54
N CYS A 162 -23.01 -14.04 22.84
CA CYS A 162 -23.60 -15.04 23.71
C CYS A 162 -24.96 -14.62 24.24
N ILE A 163 -25.88 -15.58 24.33
CA ILE A 163 -27.21 -15.35 24.87
C ILE A 163 -27.61 -16.61 25.63
N GLY A 164 -28.05 -16.45 26.87
CA GLY A 164 -28.49 -17.59 27.69
C GLY A 164 -27.43 -18.68 27.87
N GLY A 165 -26.16 -18.31 27.69
CA GLY A 165 -25.01 -19.25 27.72
C GLY A 165 -24.56 -19.80 26.37
N ASN A 166 -25.35 -19.52 25.34
CA ASN A 166 -25.08 -20.02 24.00
C ASN A 166 -24.39 -18.97 23.18
N CYS A 167 -23.14 -19.24 22.79
CA CYS A 167 -22.31 -18.28 22.04
C CYS A 167 -22.13 -18.65 20.59
N TYR A 168 -22.46 -17.72 19.71
CA TYR A 168 -22.48 -17.97 18.27
C TYR A 168 -21.28 -17.31 17.63
N LEU A 169 -20.75 -17.95 16.60
CA LEU A 169 -19.52 -17.50 15.94
C LEU A 169 -19.55 -17.85 14.46
N MET A 170 -19.20 -16.88 13.61
CA MET A 170 -19.00 -17.09 12.18
C MET A 170 -17.55 -17.57 11.87
N ILE A 171 -17.47 -18.57 11.02
CA ILE A 171 -16.22 -19.05 10.42
C ILE A 171 -16.43 -19.13 8.89
N THR A 172 -15.33 -19.14 8.15
CA THR A 172 -15.39 -19.46 6.74
C THR A 172 -14.12 -20.21 6.30
N ASP A 173 -14.18 -20.78 5.10
CA ASP A 173 -13.09 -21.57 4.55
C ASP A 173 -13.30 -21.46 3.05
N GLY A 174 -12.22 -21.43 2.27
CA GLY A 174 -12.33 -21.27 0.82
C GLY A 174 -11.33 -20.27 0.27
N SER A 175 -11.23 -20.18 -1.05
CA SER A 175 -10.31 -19.23 -1.68
C SER A 175 -10.82 -17.80 -1.50
N ALA A 176 -9.94 -16.96 -0.93
CA ALA A 176 -10.15 -15.52 -0.75
C ALA A 176 -10.49 -14.83 -2.04
N SER A 177 -10.13 -15.43 -3.18
CA SER A 177 -10.39 -14.89 -4.52
CA SER A 177 -10.47 -14.82 -4.48
C SER A 177 -11.61 -15.56 -5.15
N GLY A 178 -12.21 -16.51 -4.43
CA GLY A 178 -13.25 -17.36 -5.04
C GLY A 178 -14.45 -17.63 -4.17
N ILE A 179 -14.75 -18.91 -4.01
CA ILE A 179 -15.88 -19.36 -3.22
C ILE A 179 -15.43 -19.59 -1.77
N SER A 180 -16.03 -18.82 -0.85
CA SER A 180 -15.81 -19.03 0.58
C SER A 180 -17.17 -19.04 1.31
N GLU A 181 -17.70 -20.24 1.50
CA GLU A 181 -19.04 -20.44 2.06
C GLU A 181 -18.99 -20.62 3.58
N CYS A 182 -19.49 -19.62 4.29
CA CYS A 182 -19.32 -19.55 5.73
C CYS A 182 -20.27 -20.48 6.49
N ARG A 183 -19.93 -20.75 7.75
CA ARG A 183 -20.74 -21.52 8.69
C ARG A 183 -20.82 -20.76 10.01
N PHE A 184 -21.77 -21.15 10.86
CA PHE A 184 -21.82 -20.63 12.23
C PHE A 184 -21.67 -21.78 13.20
N LEU A 185 -20.95 -21.52 14.29
CA LEU A 185 -20.82 -22.51 15.37
C LEU A 185 -21.56 -22.02 16.61
N LYS A 186 -22.38 -22.89 17.18
CA LYS A 186 -23.05 -22.62 18.46
C LYS A 186 -22.17 -23.26 19.54
N ILE A 187 -21.66 -22.44 20.45
CA ILE A 187 -20.62 -22.84 21.42
C ILE A 187 -21.17 -22.62 22.82
N ARG A 188 -20.95 -23.57 23.72
CA ARG A 188 -21.48 -23.42 25.07
C ARG A 188 -20.45 -23.91 26.05
N GLU A 189 -20.08 -23.04 26.99
CA GLU A 189 -18.99 -23.30 27.94
C GLU A 189 -17.77 -23.91 27.21
N GLY A 190 -17.47 -23.30 26.06
CA GLY A 190 -16.28 -23.61 25.29
C GLY A 190 -16.40 -24.82 24.39
N ARG A 191 -17.56 -25.48 24.37
CA ARG A 191 -17.72 -26.65 23.50
C ARG A 191 -18.76 -26.46 22.39
N ILE A 192 -18.44 -26.95 21.19
CA ILE A 192 -19.30 -26.77 20.02
C ILE A 192 -20.49 -27.70 20.19
N ILE A 193 -21.69 -27.14 20.27
CA ILE A 193 -22.88 -28.00 20.44
C ILE A 193 -23.76 -28.03 19.20
N LYS A 194 -23.35 -27.28 18.17
CA LYS A 194 -23.88 -27.43 16.81
C LYS A 194 -23.27 -26.54 15.76
N GLU A 195 -23.42 -27.02 14.54
CA GLU A 195 -23.04 -26.29 13.34
C GLU A 195 -24.34 -25.88 12.67
N ILE A 196 -24.34 -24.64 12.19
CA ILE A 196 -25.45 -24.04 11.46
C ILE A 196 -24.91 -23.69 10.06
N PHE A 197 -25.63 -24.18 9.05
CA PHE A 197 -25.28 -24.01 7.66
C PHE A 197 -26.28 -23.03 7.05
N PRO A 198 -25.84 -21.77 6.76
CA PRO A 198 -26.76 -20.76 6.26
C PRO A 198 -27.31 -21.14 4.90
N THR A 199 -28.48 -20.59 4.55
CA THR A 199 -29.09 -20.76 3.22
C THR A 199 -29.09 -19.38 2.54
N GLY A 200 -29.43 -19.31 1.25
CA GLY A 200 -29.52 -18.02 0.55
C GLY A 200 -28.28 -17.69 -0.26
N ARG A 201 -27.82 -16.44 -0.20
CA ARG A 201 -26.69 -15.99 -1.02
C ARG A 201 -25.43 -16.29 -0.21
N VAL A 202 -24.78 -17.41 -0.55
N VAL A 202 -24.80 -17.45 -0.50
CA VAL A 202 -23.81 -18.04 0.34
CA VAL A 202 -23.75 -18.02 0.39
C VAL A 202 -22.44 -18.26 -0.31
C VAL A 202 -22.34 -18.04 -0.22
N LYS A 203 -22.24 -17.69 -1.49
CA LYS A 203 -21.00 -17.94 -2.28
C LYS A 203 -19.68 -17.30 -1.76
N HIS A 204 -19.79 -16.24 -0.98
CA HIS A 204 -18.61 -15.64 -0.35
C HIS A 204 -18.94 -14.73 0.83
N THR A 205 -18.65 -15.21 2.03
CA THR A 205 -18.91 -14.46 3.25
C THR A 205 -17.66 -14.52 4.18
N GLU A 206 -17.14 -13.34 4.52
CA GLU A 206 -15.88 -13.19 5.28
C GLU A 206 -16.03 -12.21 6.43
N GLU A 207 -15.46 -12.56 7.58
CA GLU A 207 -15.13 -11.58 8.63
C GLU A 207 -16.39 -10.87 9.13
N CYS A 208 -17.45 -11.64 9.34
CA CYS A 208 -18.74 -11.06 9.73
C CYS A 208 -18.60 -10.28 11.04
N THR A 209 -19.25 -9.14 11.10
CA THR A 209 -19.39 -8.35 12.31
C THR A 209 -20.83 -8.56 12.79
N CYS A 210 -20.99 -9.23 13.92
CA CYS A 210 -22.28 -9.73 14.35
C CYS A 210 -22.67 -9.14 15.70
N GLY A 211 -23.98 -8.97 15.90
CA GLY A 211 -24.55 -8.53 17.17
C GLY A 211 -26.01 -8.91 17.25
N PHE A 212 -26.65 -8.60 18.38
CA PHE A 212 -28.06 -8.93 18.57
C PHE A 212 -29.02 -7.82 18.09
N ALA A 213 -29.93 -8.18 17.18
CA ALA A 213 -31.06 -7.31 16.83
C ALA A 213 -32.15 -7.39 17.88
N SER A 214 -32.26 -8.56 18.53
CA SER A 214 -33.24 -8.87 19.58
C SER A 214 -32.77 -10.14 20.33
N ASN A 215 -33.59 -10.63 21.26
CA ASN A 215 -33.38 -11.95 21.85
C ASN A 215 -33.54 -13.13 20.85
N LYS A 216 -34.19 -12.89 19.71
CA LYS A 216 -34.44 -13.97 18.75
C LYS A 216 -33.42 -13.97 17.61
N THR A 217 -32.86 -12.81 17.27
CA THR A 217 -32.05 -12.69 16.06
C THR A 217 -30.68 -12.04 16.23
N ILE A 218 -29.67 -12.71 15.69
CA ILE A 218 -28.33 -12.14 15.53
C ILE A 218 -28.25 -11.70 14.08
N GLU A 219 -27.63 -10.54 13.82
CA GLU A 219 -27.38 -10.06 12.46
C GLU A 219 -25.92 -9.73 12.24
N CYS A 220 -25.43 -9.97 11.03
CA CYS A 220 -24.01 -9.71 10.70
C CYS A 220 -23.87 -9.00 9.38
N ALA A 221 -22.93 -8.06 9.33
CA ALA A 221 -22.54 -7.39 8.11
C ALA A 221 -21.15 -7.90 7.80
N CYS A 222 -20.99 -8.54 6.65
CA CYS A 222 -19.78 -9.32 6.33
C CYS A 222 -19.07 -8.73 5.11
N ARG A 223 -17.99 -9.38 4.67
CA ARG A 223 -17.18 -8.91 3.52
C ARG A 223 -17.18 -9.95 2.40
N ASP A 224 -17.47 -9.53 1.16
CA ASP A 224 -17.26 -10.38 0.00
C ASP A 224 -15.96 -9.99 -0.66
N ASN A 225 -14.95 -10.86 -0.56
CA ASN A 225 -13.60 -10.52 -1.02
C ASN A 225 -13.40 -10.70 -2.52
N SER A 226 -14.45 -11.18 -3.21
CA SER A 226 -14.36 -11.50 -4.63
C SER A 226 -15.38 -10.85 -5.56
N TYR A 227 -16.65 -10.82 -5.20
CA TYR A 227 -17.68 -10.63 -6.23
C TYR A 227 -18.49 -9.34 -6.11
N THR A 228 -18.34 -8.63 -5.01
CA THR A 228 -19.21 -7.47 -4.78
C THR A 228 -18.71 -6.56 -3.68
N ALA A 229 -18.93 -5.27 -3.89
CA ALA A 229 -18.71 -4.23 -2.91
C ALA A 229 -19.92 -4.05 -1.97
N LYS A 230 -21.04 -4.74 -2.27
CA LYS A 230 -22.15 -4.88 -1.29
C LYS A 230 -21.76 -5.85 -0.18
N ARG A 231 -22.14 -5.60 1.07
CA ARG A 231 -21.81 -6.53 2.14
C ARG A 231 -22.85 -7.63 2.25
N PRO A 232 -22.41 -8.90 2.21
CA PRO A 232 -23.38 -9.94 2.56
C PRO A 232 -23.95 -9.73 3.96
N PHE A 233 -25.24 -9.99 4.12
CA PHE A 233 -25.90 -9.63 5.36
C PHE A 233 -26.59 -10.84 5.94
N VAL A 234 -26.09 -11.31 7.09
CA VAL A 234 -26.62 -12.52 7.74
C VAL A 234 -27.73 -12.22 8.73
N LYS A 235 -28.79 -13.05 8.75
CA LYS A 235 -29.76 -13.00 9.83
C LYS A 235 -29.86 -14.40 10.43
N LEU A 236 -29.44 -14.54 11.68
CA LEU A 236 -29.38 -15.83 12.37
C LEU A 236 -30.44 -15.87 13.46
N ASN A 237 -31.37 -16.80 13.34
CA ASN A 237 -32.43 -17.00 14.34
C ASN A 237 -31.89 -17.94 15.41
N VAL A 238 -31.78 -17.45 16.64
CA VAL A 238 -31.19 -18.25 17.72
C VAL A 238 -32.20 -19.19 18.40
N GLU A 239 -33.48 -19.02 18.08
CA GLU A 239 -34.48 -19.95 18.58
C GLU A 239 -34.42 -21.25 17.79
N THR A 240 -34.32 -21.13 16.47
CA THR A 240 -34.32 -22.28 15.57
C THR A 240 -32.92 -22.68 15.09
N ASP A 241 -31.92 -21.87 15.43
CA ASP A 241 -30.55 -22.11 14.99
C ASP A 241 -30.51 -22.29 13.48
N THR A 242 -31.10 -21.35 12.76
CA THR A 242 -31.04 -21.33 11.29
C THR A 242 -30.64 -19.95 10.82
N ALA A 243 -29.96 -19.90 9.68
CA ALA A 243 -29.44 -18.64 9.16
C ALA A 243 -29.64 -18.52 7.66
N GLU A 244 -29.97 -17.30 7.23
CA GLU A 244 -30.12 -16.96 5.84
C GLU A 244 -29.24 -15.75 5.58
N ILE A 245 -28.69 -15.68 4.37
CA ILE A 245 -27.79 -14.60 3.97
C ILE A 245 -28.25 -13.99 2.62
N ARG A 246 -28.29 -12.66 2.55
CA ARG A 246 -28.51 -11.93 1.29
C ARG A 246 -27.66 -10.68 1.31
N LEU A 247 -27.35 -10.16 0.13
CA LEU A 247 -26.67 -8.88 0.01
C LEU A 247 -27.46 -7.71 0.59
N MET A 248 -26.74 -6.75 1.18
CA MET A 248 -27.32 -5.46 1.58
C MET A 248 -27.75 -4.72 0.33
N CYS A 249 -28.98 -4.25 0.32
CA CYS A 249 -29.53 -3.57 -0.86
C CYS A 249 -29.15 -2.09 -0.95
N THR A 250 -28.77 -1.50 0.18
CA THR A 250 -28.47 -0.09 0.23
C THR A 250 -27.54 0.35 -0.88
N GLU A 251 -27.86 1.52 -1.46
CA GLU A 251 -26.98 2.17 -2.44
C GLU A 251 -25.64 2.61 -1.82
N THR A 252 -25.63 2.72 -0.50
CA THR A 252 -24.43 3.16 0.25
C THR A 252 -23.55 1.94 0.47
N TYR A 253 -22.88 1.47 -0.59
CA TYR A 253 -22.09 0.23 -0.49
C TYR A 253 -20.99 0.35 0.58
N LEU A 254 -20.93 -0.63 1.48
CA LEU A 254 -20.06 -0.46 2.65
C LEU A 254 -18.65 -1.05 2.53
N ASP A 255 -18.32 -1.72 1.43
CA ASP A 255 -17.00 -2.34 1.25
C ASP A 255 -15.98 -1.38 0.66
N THR A 256 -14.70 -1.75 0.75
CA THR A 256 -13.64 -1.04 0.05
C THR A 256 -12.72 -2.09 -0.58
N PRO A 257 -12.47 -1.97 -1.92
CA PRO A 257 -12.95 -0.94 -2.83
C PRO A 257 -14.46 -1.03 -3.14
N ARG A 258 -15.00 0.00 -3.77
CA ARG A 258 -16.40 0.04 -4.16
C ARG A 258 -16.56 1.03 -5.28
N PRO A 259 -17.62 0.87 -6.11
CA PRO A 259 -17.91 1.93 -7.07
C PRO A 259 -18.72 3.04 -6.43
N ASP A 260 -18.95 4.09 -7.19
CA ASP A 260 -19.79 5.19 -6.73
C ASP A 260 -21.09 4.66 -6.16
N ASP A 261 -21.60 5.33 -5.13
CA ASP A 261 -22.89 4.99 -4.51
C ASP A 261 -24.01 5.00 -5.55
N GLY A 262 -24.81 3.93 -5.58
CA GLY A 262 -25.97 3.88 -6.49
C GLY A 262 -25.65 3.36 -7.89
N SER A 263 -24.38 3.15 -8.19
CA SER A 263 -23.99 2.83 -9.55
C SER A 263 -24.22 1.33 -9.92
N ILE A 264 -24.46 0.49 -8.91
CA ILE A 264 -24.71 -0.91 -9.20
C ILE A 264 -26.15 -1.05 -9.67
N THR A 265 -26.24 -1.27 -10.97
CA THR A 265 -27.48 -1.30 -11.68
C THR A 265 -28.30 -2.55 -11.34
N GLY A 266 -29.62 -2.46 -11.46
CA GLY A 266 -30.52 -3.60 -11.27
C GLY A 266 -31.00 -3.79 -9.84
N PRO A 267 -31.66 -4.93 -9.56
CA PRO A 267 -32.33 -5.23 -8.30
C PRO A 267 -31.37 -5.46 -7.11
N CYS A 268 -31.91 -5.72 -5.92
CA CYS A 268 -31.06 -5.85 -4.70
C CYS A 268 -29.93 -6.86 -4.83
N GLU A 269 -30.23 -8.01 -5.42
CA GLU A 269 -29.26 -9.11 -5.49
C GLU A 269 -28.10 -8.93 -6.50
N SER A 270 -28.11 -7.85 -7.28
CA SER A 270 -27.07 -7.63 -8.29
C SER A 270 -25.70 -7.40 -7.68
N ASN A 271 -24.70 -8.14 -8.18
CA ASN A 271 -23.36 -8.06 -7.66
C ASN A 271 -22.67 -6.75 -8.02
N GLY A 272 -22.82 -6.34 -9.28
CA GLY A 272 -22.16 -5.14 -9.80
C GLY A 272 -20.68 -5.31 -10.02
N ASP A 273 -19.94 -4.20 -10.14
CA ASP A 273 -18.49 -4.22 -10.41
CA ASP A 273 -18.50 -4.31 -10.37
C ASP A 273 -17.68 -3.59 -9.29
N LYS A 274 -16.35 -3.58 -9.47
CA LYS A 274 -15.40 -3.03 -8.48
C LYS A 274 -15.47 -3.80 -7.14
N GLY A 275 -15.91 -5.06 -7.24
CA GLY A 275 -16.14 -5.93 -6.08
C GLY A 275 -14.99 -6.79 -5.61
N SER A 276 -13.88 -6.76 -6.32
CA SER A 276 -12.74 -7.58 -5.95
C SER A 276 -12.01 -6.92 -4.76
N GLY A 277 -11.55 -7.75 -3.83
CA GLY A 277 -10.96 -7.26 -2.60
C GLY A 277 -12.06 -6.82 -1.64
N GLY A 278 -11.66 -6.15 -0.56
CA GLY A 278 -12.60 -5.87 0.52
C GLY A 278 -11.94 -5.47 1.83
N ILE A 279 -12.76 -5.25 2.84
CA ILE A 279 -12.30 -4.81 4.16
C ILE A 279 -13.40 -5.26 5.10
N LYS A 280 -13.05 -5.58 6.34
CA LYS A 280 -14.04 -5.97 7.38
C LYS A 280 -14.73 -4.68 7.81
N GLY A 281 -16.05 -4.73 8.02
CA GLY A 281 -16.83 -3.52 8.30
C GLY A 281 -17.48 -3.47 9.68
N GLY A 282 -17.46 -2.31 10.33
CA GLY A 282 -18.13 -2.16 11.61
C GLY A 282 -19.64 -2.10 11.43
N PHE A 283 -20.36 -2.53 12.47
CA PHE A 283 -21.81 -2.72 12.44
C PHE A 283 -22.19 -2.97 13.89
N VAL A 284 -23.20 -2.24 14.37
CA VAL A 284 -23.69 -2.39 15.75
C VAL A 284 -25.17 -2.00 15.78
N HIS A 285 -25.93 -2.67 16.65
CA HIS A 285 -27.34 -2.40 16.85
C HIS A 285 -27.62 -1.43 18.01
N GLN A 286 -28.63 -0.59 17.82
CA GLN A 286 -29.24 0.17 18.90
C GLN A 286 -30.68 -0.35 19.10
N ARG A 287 -30.89 -1.12 20.16
CA ARG A 287 -32.18 -1.78 20.41
C ARG A 287 -33.08 -0.88 21.25
N MET A 288 -34.15 -0.41 20.64
CA MET A 288 -35.12 0.39 21.38
C MET A 288 -36.44 -0.33 21.52
N ALA A 289 -37.31 0.23 22.37
CA ALA A 289 -38.55 -0.43 22.79
C ALA A 289 -39.43 -0.78 21.61
N SER A 290 -39.36 0.04 20.57
CA SER A 290 -40.19 -0.16 19.41
C SER A 290 -39.57 0.45 18.13
N LYS A 291 -38.26 0.27 17.99
CA LYS A 291 -37.46 0.79 16.89
C LYS A 291 -36.04 0.22 16.98
N ILE A 292 -35.48 -0.14 15.84
CA ILE A 292 -34.14 -0.67 15.83
C ILE A 292 -33.26 0.25 15.00
N GLY A 293 -32.11 0.62 15.56
CA GLY A 293 -31.10 1.38 14.83
C GLY A 293 -29.93 0.52 14.36
N ARG A 294 -29.55 0.64 13.09
CA ARG A 294 -28.35 -0.06 12.65
C ARG A 294 -27.28 0.93 12.25
N TRP A 295 -26.13 0.82 12.90
CA TRP A 295 -25.00 1.71 12.68
C TRP A 295 -23.90 0.98 11.92
N TYR A 296 -23.37 1.60 10.87
CA TYR A 296 -22.33 1.00 10.04
C TYR A 296 -21.17 1.96 9.83
N SER A 297 -20.01 1.42 9.49
CA SER A 297 -18.88 2.29 9.18
C SER A 297 -18.28 1.87 7.86
N ARG A 298 -17.85 2.83 7.09
CA ARG A 298 -17.12 2.52 5.90
C ARG A 298 -16.13 3.62 5.73
N THR A 299 -15.04 3.24 5.09
CA THR A 299 -13.94 4.05 4.61
C THR A 299 -14.45 5.32 3.89
N MET A 300 -13.73 6.45 4.03
CA MET A 300 -14.03 7.69 3.27
C MET A 300 -13.59 7.58 1.81
N SER A 301 -12.45 6.96 1.57
CA SER A 301 -12.08 6.64 0.22
C SER A 301 -12.89 5.44 -0.32
N LYS A 302 -13.38 5.53 -1.54
CA LYS A 302 -14.02 4.40 -2.22
C LYS A 302 -13.04 3.28 -2.62
N THR A 303 -11.76 3.58 -2.63
CA THR A 303 -10.72 2.71 -3.22
C THR A 303 -9.63 2.27 -2.23
N LYS A 304 -9.28 3.16 -1.32
CA LYS A 304 -8.17 2.90 -0.41
C LYS A 304 -8.63 2.86 1.05
N ARG A 305 -7.78 2.28 1.89
CA ARG A 305 -8.07 2.20 3.31
C ARG A 305 -7.70 3.50 4.01
N MET A 306 -8.49 4.53 3.70
CA MET A 306 -8.26 5.88 4.22
C MET A 306 -9.58 6.42 4.75
N GLY A 307 -9.56 6.98 5.97
CA GLY A 307 -10.77 7.54 6.57
C GLY A 307 -11.78 6.50 6.99
N MET A 308 -12.75 6.93 7.79
CA MET A 308 -13.88 6.14 8.23
C MET A 308 -15.06 7.07 8.55
N GLY A 309 -16.16 6.87 7.82
CA GLY A 309 -17.42 7.54 8.13
C GLY A 309 -18.37 6.61 8.87
N LEU A 310 -19.23 7.18 9.73
CA LEU A 310 -20.27 6.39 10.43
C LEU A 310 -21.63 6.64 9.77
N TYR A 311 -22.46 5.60 9.70
CA TYR A 311 -23.75 5.65 9.01
C TYR A 311 -24.84 5.02 9.86
N VAL A 312 -26.08 5.47 9.66
CA VAL A 312 -27.25 4.90 10.35
C VAL A 312 -28.46 4.69 9.50
N LYS A 313 -29.21 3.67 9.86
CA LYS A 313 -30.54 3.39 9.32
C LYS A 313 -31.42 2.92 10.46
N TYR A 314 -32.57 3.56 10.65
CA TYR A 314 -33.60 3.04 11.57
C TYR A 314 -34.63 2.19 10.84
N ASP A 315 -34.89 1.03 11.44
CA ASP A 315 -35.85 0.04 10.97
C ASP A 315 -35.60 -0.39 9.54
N GLY A 316 -36.66 -0.75 8.82
CA GLY A 316 -36.53 -1.28 7.46
C GLY A 316 -36.01 -2.71 7.48
N ASP A 317 -35.42 -3.13 6.36
CA ASP A 317 -34.90 -4.47 6.16
C ASP A 317 -33.71 -4.32 5.23
N PRO A 318 -32.49 -4.50 5.77
CA PRO A 318 -31.29 -4.26 4.98
C PRO A 318 -31.22 -5.08 3.68
N TRP A 319 -31.92 -6.23 3.63
CA TRP A 319 -31.98 -7.02 2.38
C TRP A 319 -32.78 -6.40 1.21
N THR A 320 -33.77 -5.58 1.54
CA THR A 320 -34.65 -5.01 0.51
C THR A 320 -34.62 -3.49 0.43
N ASP A 321 -33.86 -2.84 1.32
CA ASP A 321 -33.83 -1.37 1.32
C ASP A 321 -32.82 -0.76 0.35
N SER A 322 -33.34 -0.08 -0.66
CA SER A 322 -32.50 0.49 -1.69
C SER A 322 -32.00 1.88 -1.32
N ASP A 323 -32.63 2.49 -0.32
CA ASP A 323 -32.32 3.88 0.04
C ASP A 323 -30.91 4.05 0.65
N ALA A 324 -30.44 5.29 0.70
CA ALA A 324 -29.13 5.60 1.24
C ALA A 324 -29.16 5.44 2.77
N LEU A 325 -28.04 5.06 3.35
CA LEU A 325 -27.83 5.21 4.79
C LEU A 325 -27.58 6.70 5.10
N ALA A 326 -27.94 7.17 6.29
CA ALA A 326 -27.65 8.55 6.65
C ALA A 326 -26.23 8.72 7.19
N LEU A 327 -25.45 9.61 6.56
CA LEU A 327 -24.08 9.89 6.99
C LEU A 327 -24.21 10.57 8.34
N SER A 328 -23.61 9.97 9.34
CA SER A 328 -23.80 10.54 10.67
C SER A 328 -22.55 11.33 11.13
N GLY A 329 -21.37 10.98 10.61
CA GLY A 329 -20.18 11.84 10.78
C GLY A 329 -18.86 11.23 10.32
N VAL A 330 -17.80 12.03 10.26
CA VAL A 330 -16.46 11.55 9.88
C VAL A 330 -15.63 11.19 11.14
N MET A 331 -15.33 9.91 11.31
CA MET A 331 -14.59 9.43 12.48
C MET A 331 -13.10 9.55 12.24
N VAL A 332 -12.69 9.20 11.03
CA VAL A 332 -11.30 9.28 10.61
C VAL A 332 -11.29 10.00 9.29
N SER A 333 -10.52 11.08 9.19
CA SER A 333 -10.43 11.89 7.97
C SER A 333 -9.71 11.15 6.86
N MET A 334 -9.90 11.65 5.63
CA MET A 334 -9.41 11.02 4.41
C MET A 334 -7.91 10.84 4.48
N GLU A 335 -7.26 11.72 5.24
CA GLU A 335 -5.80 11.77 5.37
C GLU A 335 -5.24 10.79 6.40
N GLU A 336 -6.10 10.07 7.12
CA GLU A 336 -5.68 9.08 8.12
C GLU A 336 -6.09 7.64 7.77
N PRO A 337 -5.27 6.65 8.19
CA PRO A 337 -5.60 5.28 7.79
C PRO A 337 -6.93 4.83 8.39
N GLY A 338 -7.76 4.21 7.57
CA GLY A 338 -8.98 3.57 8.03
C GLY A 338 -8.93 2.15 7.53
N TRP A 339 -8.63 1.20 8.44
CA TRP A 339 -8.56 -0.21 8.06
C TRP A 339 -9.80 -0.96 8.57
N TYR A 340 -9.62 -2.07 9.28
CA TYR A 340 -10.77 -2.88 9.73
C TYR A 340 -11.62 -2.08 10.72
N SER A 341 -12.92 -2.37 10.79
CA SER A 341 -13.74 -1.80 11.84
C SER A 341 -14.72 -2.87 12.33
N PHE A 342 -15.27 -2.68 13.53
CA PHE A 342 -15.98 -3.75 14.22
C PHE A 342 -16.97 -3.09 15.18
N GLY A 343 -18.06 -3.77 15.50
CA GLY A 343 -18.93 -3.30 16.58
C GLY A 343 -18.72 -4.07 17.87
N PHE A 344 -19.04 -3.43 18.99
CA PHE A 344 -19.14 -4.12 20.28
C PHE A 344 -20.09 -3.35 21.18
N GLU A 345 -20.39 -3.93 22.33
CA GLU A 345 -21.35 -3.38 23.25
C GLU A 345 -20.75 -3.29 24.66
N ILE A 346 -20.75 -2.09 25.26
CA ILE A 346 -20.38 -1.95 26.67
C ILE A 346 -21.61 -2.17 27.55
N LYS A 347 -21.44 -2.87 28.66
CA LYS A 347 -22.55 -3.11 29.55
C LYS A 347 -22.61 -2.09 30.67
N ASP A 348 -23.59 -1.19 30.59
CA ASP A 348 -23.91 -0.27 31.69
C ASP A 348 -24.64 -1.11 32.74
N LYS A 349 -25.08 -0.47 33.82
CA LYS A 349 -25.77 -1.16 34.92
C LYS A 349 -27.06 -1.81 34.45
N LYS A 350 -27.81 -1.13 33.60
CA LYS A 350 -29.15 -1.56 33.23
C LYS A 350 -29.39 -1.62 31.72
N CYS A 351 -28.39 -1.25 30.92
CA CYS A 351 -28.56 -1.14 29.47
C CYS A 351 -27.19 -1.27 28.77
N ASP A 352 -27.24 -1.37 27.45
CA ASP A 352 -26.08 -1.70 26.65
C ASP A 352 -25.70 -0.51 25.79
N VAL A 353 -24.40 -0.19 25.76
CA VAL A 353 -23.92 0.92 24.95
C VAL A 353 -23.34 0.40 23.65
N PRO A 354 -23.94 0.78 22.50
CA PRO A 354 -23.34 0.32 21.24
C PRO A 354 -22.14 1.18 20.90
N CYS A 355 -21.08 0.55 20.35
CA CYS A 355 -19.85 1.27 19.91
C CYS A 355 -19.31 0.70 18.59
N ILE A 356 -18.53 1.51 17.89
CA ILE A 356 -17.72 1.02 16.74
C ILE A 356 -16.24 1.25 17.07
N GLY A 357 -15.42 0.24 16.81
CA GLY A 357 -13.96 0.40 16.91
C GLY A 357 -13.33 0.41 15.53
N ILE A 358 -12.25 1.17 15.36
CA ILE A 358 -11.59 1.27 14.07
C ILE A 358 -10.09 1.00 14.19
N GLU A 359 -9.59 0.04 13.43
CA GLU A 359 -8.17 -0.24 13.33
C GLU A 359 -7.50 0.78 12.39
N MET A 360 -6.54 1.53 12.92
CA MET A 360 -5.82 2.52 12.11
C MET A 360 -4.38 2.05 11.91
N VAL A 361 -4.15 1.35 10.80
CA VAL A 361 -2.87 0.65 10.55
C VAL A 361 -1.79 1.67 10.17
N HIS A 362 -0.63 1.54 10.80
CA HIS A 362 0.57 2.22 10.39
C HIS A 362 1.20 1.38 9.27
N ASP A 363 1.02 1.87 8.04
CA ASP A 363 1.44 1.13 6.87
C ASP A 363 2.55 1.88 6.12
N GLY A 364 3.77 1.40 6.22
CA GLY A 364 4.87 1.98 5.47
C GLY A 364 5.52 0.96 4.55
N GLY A 365 4.76 -0.09 4.22
CA GLY A 365 5.26 -1.17 3.36
C GLY A 365 5.95 -2.31 4.08
N LYS A 366 6.44 -3.29 3.31
CA LYS A 366 6.96 -4.50 3.90
C LYS A 366 8.33 -4.35 4.52
N GLU A 367 9.02 -3.25 4.22
CA GLU A 367 10.36 -3.07 4.79
C GLU A 367 10.41 -2.25 6.11
N THR A 368 9.25 -1.90 6.66
CA THR A 368 9.15 -1.32 8.02
C THR A 368 8.23 -2.18 8.89
N TRP A 369 8.12 -1.80 10.16
CA TRP A 369 7.17 -2.44 11.04
C TRP A 369 5.74 -2.16 10.59
N HIS A 370 4.83 -3.07 10.92
CA HIS A 370 3.44 -2.96 10.44
C HIS A 370 2.55 -3.27 11.62
N SER A 371 1.89 -2.23 12.16
CA SER A 371 1.04 -2.34 13.33
C SER A 371 -0.10 -1.35 13.26
N ALA A 372 -0.88 -1.23 14.34
CA ALA A 372 -2.13 -0.49 14.30
C ALA A 372 -2.53 0.17 15.62
N ALA A 373 -3.09 1.36 15.51
CA ALA A 373 -3.84 1.98 16.61
C ALA A 373 -5.30 1.52 16.52
N THR A 374 -6.06 1.71 17.61
CA THR A 374 -7.50 1.40 17.65
C THR A 374 -8.26 2.63 18.15
N ALA A 375 -9.19 3.14 17.33
CA ALA A 375 -10.07 4.27 17.73
C ALA A 375 -11.45 3.77 18.10
N ILE A 376 -12.06 4.39 19.11
CA ILE A 376 -13.38 3.95 19.61
C ILE A 376 -14.37 5.11 19.63
N TYR A 377 -15.53 4.89 19.02
CA TYR A 377 -16.69 5.79 19.02
C TYR A 377 -17.88 5.02 19.57
N CYS A 378 -18.64 5.63 20.49
CA CYS A 378 -19.80 4.98 21.12
C CYS A 378 -21.03 5.89 21.08
N LEU A 379 -22.22 5.28 21.12
CA LEU A 379 -23.46 6.05 21.32
C LEU A 379 -23.40 6.80 22.65
N MET A 380 -23.69 8.09 22.62
CA MET A 380 -23.65 8.96 23.82
C MET A 380 -24.26 10.33 23.53
N GLY A 381 -25.36 10.61 24.23
CA GLY A 381 -26.06 11.87 24.15
C GLY A 381 -26.81 12.10 22.86
N SER A 382 -26.93 13.39 22.52
CA SER A 382 -27.78 13.95 21.43
C SER A 382 -26.95 14.70 20.45
N GLY A 383 -27.54 15.02 19.30
CA GLY A 383 -26.92 15.96 18.37
C GLY A 383 -26.18 15.27 17.26
N GLN A 384 -24.93 15.66 17.09
CA GLN A 384 -24.15 15.39 15.89
C GLN A 384 -22.73 14.96 16.33
N LEU A 385 -22.11 14.07 15.56
CA LEU A 385 -20.75 13.62 15.83
C LEU A 385 -19.77 14.79 15.64
N LEU A 386 -18.91 15.02 16.62
CA LEU A 386 -18.15 16.28 16.64
C LEU A 386 -16.65 16.29 16.22
N TRP A 387 -15.91 15.20 16.45
N TRP A 387 -15.92 15.21 16.46
CA TRP A 387 -14.44 15.24 16.32
CA TRP A 387 -14.47 15.26 16.23
C TRP A 387 -13.94 13.94 15.71
C TRP A 387 -13.95 13.95 15.70
N ASP A 388 -12.91 14.04 14.89
CA ASP A 388 -12.27 12.91 14.25
C ASP A 388 -11.05 12.46 15.04
N THR A 389 -10.46 11.36 14.60
CA THR A 389 -9.37 10.73 15.35
C THR A 389 -8.13 10.65 14.47
N VAL A 390 -7.00 11.08 15.01
CA VAL A 390 -5.74 10.93 14.32
C VAL A 390 -4.84 9.99 15.19
N THR A 391 -3.89 9.26 14.57
CA THR A 391 -3.07 8.37 15.40
C THR A 391 -1.91 9.10 16.06
N GLY A 392 -1.43 10.13 15.38
CA GLY A 392 -0.29 10.93 15.85
C GLY A 392 1.08 10.28 15.73
N VAL A 393 1.18 9.16 15.02
CA VAL A 393 2.46 8.47 14.85
C VAL A 393 3.20 8.87 13.58
N ASP A 394 4.46 9.26 13.77
CA ASP A 394 5.47 9.38 12.71
C ASP A 394 6.27 8.09 12.67
N MET A 395 6.08 7.32 11.59
CA MET A 395 6.70 6.00 11.46
C MET A 395 8.21 6.03 11.26
N ALA A 396 8.77 7.23 11.06
CA ALA A 396 10.23 7.39 10.99
C ALA A 396 10.93 7.40 12.36
N LEU A 397 10.16 7.56 13.45
CA LEU A 397 10.76 7.72 14.78
C LEU A 397 11.03 6.40 15.50
N PRO B 9 24.34 11.94 -39.88
CA PRO B 9 24.26 12.84 -38.74
C PRO B 9 25.36 12.57 -37.72
N GLU B 10 25.54 13.46 -36.76
CA GLU B 10 26.69 13.39 -35.84
C GLU B 10 26.30 12.84 -34.46
N TRP B 11 27.23 12.16 -33.79
CA TRP B 11 27.02 11.68 -32.40
C TRP B 11 26.80 12.87 -31.49
N THR B 12 25.94 12.70 -30.49
CA THR B 12 25.75 13.77 -29.52
C THR B 12 26.67 13.64 -28.31
N TYR B 13 27.06 14.81 -27.80
CA TYR B 13 27.86 15.00 -26.57
C TYR B 13 27.04 15.85 -25.62
N PRO B 14 27.26 15.70 -24.31
CA PRO B 14 26.67 16.65 -23.36
C PRO B 14 27.21 18.05 -23.65
N ARG B 15 26.34 19.04 -23.69
CA ARG B 15 26.78 20.41 -23.84
C ARG B 15 26.48 21.18 -22.59
N LEU B 16 26.85 22.45 -22.64
CA LEU B 16 26.52 23.39 -21.60
C LEU B 16 25.00 23.44 -21.44
N SER B 17 24.51 23.59 -20.21
CA SER B 17 23.06 23.71 -20.00
C SER B 17 22.51 25.07 -20.48
N CYS B 18 21.26 25.08 -20.92
CA CYS B 18 20.55 26.33 -21.19
C CYS B 18 20.46 27.18 -19.92
N PRO B 19 20.31 28.52 -20.07
CA PRO B 19 20.23 29.40 -18.89
C PRO B 19 19.04 29.07 -18.01
N GLY B 20 19.18 29.26 -16.70
CA GLY B 20 18.08 29.03 -15.76
C GLY B 20 18.61 28.82 -14.37
N SER B 21 17.78 29.11 -13.36
CA SER B 21 18.16 28.94 -11.98
C SER B 21 17.09 28.30 -11.09
N THR B 22 15.97 27.89 -11.69
CA THR B 22 14.93 27.18 -10.99
C THR B 22 14.26 26.20 -11.94
N PHE B 23 13.59 25.19 -11.39
CA PHE B 23 12.71 24.34 -12.20
C PHE B 23 11.27 24.85 -12.07
N GLN B 24 10.41 24.52 -13.05
CA GLN B 24 8.98 24.80 -13.00
C GLN B 24 8.19 23.65 -13.56
N LYS B 25 6.92 23.55 -13.16
CA LYS B 25 6.04 22.53 -13.69
C LYS B 25 5.97 22.68 -15.22
N ALA B 26 6.20 21.59 -15.94
CA ALA B 26 6.25 21.60 -17.41
C ALA B 26 5.01 20.93 -18.02
N LEU B 27 4.83 19.66 -17.70
CA LEU B 27 3.86 18.84 -18.40
C LEU B 27 3.43 17.68 -17.51
N LEU B 28 2.13 17.38 -17.57
CA LEU B 28 1.53 16.18 -16.97
C LEU B 28 0.93 15.22 -18.02
N ILE B 29 1.39 13.97 -18.02
CA ILE B 29 0.75 12.91 -18.81
C ILE B 29 -0.04 12.02 -17.82
N SER B 30 -1.37 12.11 -17.87
CA SER B 30 -2.24 11.37 -16.94
C SER B 30 -3.26 10.59 -17.76
N PRO B 31 -2.80 9.47 -18.36
CA PRO B 31 -3.62 8.67 -19.29
C PRO B 31 -4.93 8.18 -18.69
N HIS B 32 -4.93 7.87 -17.40
CA HIS B 32 -6.14 7.36 -16.72
C HIS B 32 -7.25 8.38 -16.44
N ARG B 33 -6.98 9.65 -16.76
CA ARG B 33 -8.03 10.68 -16.85
C ARG B 33 -9.08 10.33 -17.90
N PHE B 34 -8.77 9.34 -18.72
CA PHE B 34 -9.58 8.95 -19.86
C PHE B 34 -9.94 7.46 -19.79
N GLY B 35 -9.75 6.85 -18.61
CA GLY B 35 -9.96 5.41 -18.48
C GLY B 35 -11.28 5.05 -17.83
N GLU B 36 -12.21 5.98 -17.77
CA GLU B 36 -13.45 5.71 -17.05
C GLU B 36 -14.22 4.64 -17.78
N THR B 37 -15.02 3.91 -17.02
CA THR B 37 -15.94 2.93 -17.56
C THR B 37 -16.90 3.58 -18.58
N LYS B 38 -17.36 4.80 -18.26
CA LYS B 38 -18.25 5.57 -19.15
C LYS B 38 -17.53 6.20 -20.36
N GLY B 39 -16.20 6.13 -20.36
CA GLY B 39 -15.40 6.69 -21.45
C GLY B 39 -15.22 5.75 -22.63
N ASN B 40 -14.48 6.22 -23.62
CA ASN B 40 -14.21 5.47 -24.84
C ASN B 40 -12.72 5.37 -25.18
N SER B 41 -11.85 5.41 -24.18
CA SER B 41 -10.40 5.42 -24.45
C SER B 41 -9.67 4.20 -23.89
N ALA B 42 -8.44 4.01 -24.29
CA ALA B 42 -7.71 2.83 -23.90
C ALA B 42 -6.32 3.15 -23.37
N PRO B 43 -6.24 3.90 -22.24
CA PRO B 43 -4.89 4.12 -21.72
C PRO B 43 -4.29 2.78 -21.28
N LEU B 44 -3.02 2.59 -21.61
CA LEU B 44 -2.28 1.39 -21.26
C LEU B 44 -1.98 1.37 -19.77
N ILE B 45 -2.10 0.20 -19.17
CA ILE B 45 -1.63 0.02 -17.81
C ILE B 45 -0.11 -0.12 -17.78
N ILE B 46 0.54 0.74 -17.01
CA ILE B 46 2.01 0.82 -16.99
C ILE B 46 2.61 1.07 -15.61
N ARG B 47 3.92 0.89 -15.49
CA ARG B 47 4.68 1.47 -14.38
C ARG B 47 6.07 1.70 -14.92
N GLU B 48 6.95 2.26 -14.07
CA GLU B 48 8.34 2.53 -14.41
C GLU B 48 8.52 3.39 -15.68
N PRO B 49 7.77 4.53 -15.80
CA PRO B 49 7.94 5.37 -16.97
C PRO B 49 9.26 6.11 -16.88
N PHE B 50 9.82 6.49 -18.02
CA PHE B 50 10.96 7.39 -18.04
C PHE B 50 10.96 8.08 -19.40
N ILE B 51 11.83 9.07 -19.57
CA ILE B 51 11.87 9.87 -20.79
C ILE B 51 13.31 9.94 -21.23
N ALA B 52 13.54 9.89 -22.55
CA ALA B 52 14.88 10.05 -23.15
C ALA B 52 14.62 10.87 -24.39
N CYS B 53 15.55 11.73 -24.72
CA CYS B 53 15.41 12.59 -25.89
C CYS B 53 16.60 12.38 -26.80
N GLY B 54 16.37 12.52 -28.10
CA GLY B 54 17.43 12.71 -29.06
C GLY B 54 17.41 14.18 -29.45
N PRO B 55 18.13 14.55 -30.52
CA PRO B 55 18.23 15.96 -30.89
C PRO B 55 16.92 16.57 -31.41
N LYS B 56 16.01 15.75 -31.93
CA LYS B 56 14.78 16.26 -32.51
C LYS B 56 13.52 16.06 -31.65
N GLU B 57 13.54 15.05 -30.78
CA GLU B 57 12.30 14.45 -30.28
C GLU B 57 12.57 13.84 -28.90
N CYS B 58 11.58 13.91 -28.02
CA CYS B 58 11.63 13.16 -26.76
C CYS B 58 10.64 12.01 -26.83
N LYS B 59 11.03 10.86 -26.27
CA LYS B 59 10.12 9.72 -26.12
C LYS B 59 9.81 9.42 -24.65
N HIS B 60 8.54 9.13 -24.40
CA HIS B 60 8.03 8.76 -23.10
C HIS B 60 7.92 7.22 -23.04
N PHE B 61 8.81 6.58 -22.30
CA PHE B 61 8.81 5.12 -22.17
C PHE B 61 8.05 4.63 -20.94
N ALA B 62 7.70 3.35 -20.93
CA ALA B 62 7.14 2.68 -19.75
C ALA B 62 7.08 1.17 -19.96
N LEU B 63 6.83 0.44 -18.86
CA LEU B 63 6.71 -0.99 -18.90
C LEU B 63 5.27 -1.33 -18.75
N THR B 64 4.64 -1.78 -19.83
CA THR B 64 3.20 -2.03 -19.74
C THR B 64 2.94 -3.43 -19.21
N HIS B 65 1.77 -3.63 -18.62
CA HIS B 65 1.29 -4.98 -18.32
C HIS B 65 0.46 -5.56 -19.45
N TYR B 66 0.56 -4.94 -20.63
CA TYR B 66 -0.10 -5.39 -21.87
C TYR B 66 -1.60 -5.46 -21.60
N ALA B 67 -2.14 -4.42 -20.96
CA ALA B 67 -3.55 -4.37 -20.62
C ALA B 67 -3.99 -2.91 -20.62
N ALA B 68 -5.29 -2.67 -20.83
CA ALA B 68 -5.83 -1.30 -20.80
C ALA B 68 -6.88 -1.12 -19.72
N GLN B 69 -7.14 0.15 -19.36
CA GLN B 69 -8.29 0.56 -18.57
C GLN B 69 -9.21 1.40 -19.44
N PRO B 70 -10.50 1.07 -19.49
CA PRO B 70 -11.12 -0.12 -18.88
C PRO B 70 -10.77 -1.45 -19.59
N GLY B 71 -10.85 -2.54 -18.84
CA GLY B 71 -10.36 -3.84 -19.31
C GLY B 71 -10.62 -4.98 -18.36
N GLY B 72 -10.32 -6.18 -18.82
CA GLY B 72 -10.56 -7.38 -18.03
C GLY B 72 -9.30 -7.96 -17.40
N TYR B 73 -8.14 -7.30 -17.56
CA TYR B 73 -6.89 -7.95 -17.11
C TYR B 73 -6.16 -7.23 -15.99
N TYR B 74 -6.90 -6.69 -15.03
CA TYR B 74 -6.27 -5.95 -13.91
C TYR B 74 -5.50 -6.84 -12.99
N ASN B 75 -5.93 -8.10 -12.89
CA ASN B 75 -5.30 -9.00 -11.95
C ASN B 75 -3.86 -9.27 -12.38
N GLY B 76 -2.90 -9.02 -11.49
CA GLY B 76 -1.47 -9.22 -11.81
C GLY B 76 -0.76 -7.92 -12.19
N THR B 77 -1.55 -6.87 -12.30
CA THR B 77 -1.05 -5.59 -12.74
C THR B 77 -0.22 -4.83 -11.65
N ARG B 78 -0.38 -5.24 -10.40
CA ARG B 78 0.49 -4.74 -9.35
C ARG B 78 1.84 -5.50 -9.35
N GLY B 79 1.89 -6.70 -9.93
CA GLY B 79 3.12 -7.50 -9.92
C GLY B 79 4.28 -6.87 -10.66
N ASP B 80 5.51 -7.32 -10.39
CA ASP B 80 6.69 -6.68 -11.03
C ASP B 80 7.16 -7.30 -12.35
N ARG B 81 7.01 -8.62 -12.46
CA ARG B 81 7.65 -9.36 -13.55
C ARG B 81 6.70 -10.44 -14.03
N ASN B 82 6.57 -10.54 -15.34
CA ASN B 82 5.79 -11.64 -15.96
C ASN B 82 6.15 -11.75 -17.42
N LYS B 83 5.55 -12.70 -18.13
CA LYS B 83 5.84 -12.96 -19.53
C LYS B 83 5.08 -12.04 -20.51
N LEU B 84 4.19 -11.18 -19.99
CA LEU B 84 3.44 -10.23 -20.82
C LEU B 84 4.02 -8.80 -20.83
N ARG B 85 4.83 -8.46 -19.82
CA ARG B 85 5.34 -7.10 -19.67
C ARG B 85 6.22 -6.68 -20.91
N HIS B 86 5.97 -5.47 -21.45
CA HIS B 86 6.71 -4.95 -22.62
C HIS B 86 7.18 -3.52 -22.39
N LEU B 87 8.34 -3.16 -22.98
CA LEU B 87 8.75 -1.76 -23.06
C LEU B 87 8.00 -1.10 -24.22
N ILE B 88 7.37 0.03 -23.92
CA ILE B 88 6.61 0.80 -24.92
C ILE B 88 7.04 2.27 -24.92
N SER B 89 6.80 2.99 -26.02
CA SER B 89 6.90 4.45 -26.02
C SER B 89 5.85 5.15 -26.91
N VAL B 90 5.66 6.43 -26.60
CA VAL B 90 5.01 7.38 -27.47
C VAL B 90 5.96 8.59 -27.55
N LYS B 91 5.81 9.44 -28.55
CA LYS B 91 6.43 10.75 -28.51
C LYS B 91 5.91 11.49 -27.26
N LEU B 92 6.81 12.16 -26.51
CA LEU B 92 6.37 12.84 -25.28
C LEU B 92 5.31 13.90 -25.61
N GLY B 93 4.19 13.87 -24.88
CA GLY B 93 3.08 14.74 -25.20
C GLY B 93 1.88 14.00 -25.77
N LYS B 94 2.11 12.78 -26.24
CA LYS B 94 1.03 11.89 -26.70
C LYS B 94 0.54 11.07 -25.52
N ILE B 95 -0.75 10.79 -25.45
CA ILE B 95 -1.26 9.86 -24.43
C ILE B 95 -0.89 8.40 -24.83
N PRO B 96 -0.15 7.69 -23.96
CA PRO B 96 0.28 6.34 -24.29
C PRO B 96 -0.91 5.39 -24.18
N THR B 97 -1.59 5.21 -25.31
CA THR B 97 -2.75 4.33 -25.39
C THR B 97 -2.38 3.10 -26.21
N VAL B 98 -3.30 2.13 -26.29
CA VAL B 98 -3.15 0.91 -27.12
C VAL B 98 -2.74 1.25 -28.55
N GLU B 99 -3.28 2.32 -29.12
CA GLU B 99 -2.93 2.64 -30.51
C GLU B 99 -1.79 3.62 -30.72
N ASN B 100 -1.64 4.60 -29.84
CA ASN B 100 -0.56 5.56 -29.98
C ASN B 100 0.77 4.88 -29.65
N SER B 101 0.73 3.88 -28.77
CA SER B 101 1.95 3.22 -28.33
C SER B 101 2.61 2.32 -29.40
N ILE B 102 3.94 2.24 -29.35
CA ILE B 102 4.66 1.18 -30.06
C ILE B 102 5.27 0.26 -29.00
N PHE B 103 5.13 -1.04 -29.23
CA PHE B 103 5.70 -2.05 -28.38
C PHE B 103 7.09 -2.38 -28.93
N HIS B 104 8.12 -1.99 -28.19
CA HIS B 104 9.50 -2.24 -28.59
C HIS B 104 10.02 -3.67 -28.40
N MET B 105 9.83 -4.23 -27.21
CA MET B 105 10.34 -5.56 -26.92
C MET B 105 9.76 -6.07 -25.62
N ALA B 106 9.65 -7.39 -25.48
CA ALA B 106 9.31 -8.00 -24.20
C ALA B 106 10.32 -7.54 -23.12
N ALA B 107 9.84 -6.93 -22.05
CA ALA B 107 10.73 -6.46 -20.99
C ALA B 107 9.98 -6.22 -19.70
N TRP B 108 10.61 -6.60 -18.59
CA TRP B 108 10.07 -6.26 -17.29
C TRP B 108 10.96 -5.33 -16.49
N SER B 109 12.09 -4.98 -17.08
CA SER B 109 12.97 -3.89 -16.61
C SER B 109 13.54 -3.26 -17.89
N GLY B 110 13.62 -1.93 -17.94
CA GLY B 110 14.04 -1.27 -19.17
C GLY B 110 14.90 -0.03 -19.10
N SER B 111 15.36 0.41 -20.28
CA SER B 111 16.12 1.67 -20.48
C SER B 111 16.13 1.98 -21.99
N ALA B 112 16.48 3.23 -22.34
CA ALA B 112 16.68 3.64 -23.74
C ALA B 112 17.48 4.95 -23.80
N CYS B 113 18.02 5.24 -24.97
CA CYS B 113 18.82 6.44 -25.15
C CYS B 113 19.11 6.58 -26.62
N HIS B 114 19.25 7.83 -27.05
CA HIS B 114 19.60 8.15 -28.41
C HIS B 114 21.06 8.60 -28.44
N ASP B 115 21.83 8.18 -29.46
CA ASP B 115 23.28 8.53 -29.54
C ASP B 115 23.59 9.68 -30.53
N GLY B 116 22.55 10.29 -31.08
CA GLY B 116 22.67 11.31 -32.12
C GLY B 116 22.30 10.78 -33.51
N LYS B 117 22.42 9.45 -33.68
CA LYS B 117 22.13 8.79 -34.96
C LYS B 117 20.90 7.88 -34.88
N GLU B 118 20.76 7.15 -33.77
CA GLU B 118 19.75 6.10 -33.67
C GLU B 118 19.41 5.80 -32.21
N TRP B 119 18.24 5.20 -31.97
CA TRP B 119 17.78 4.80 -30.65
C TRP B 119 18.32 3.43 -30.24
N THR B 120 18.83 3.33 -29.01
CA THR B 120 19.12 2.05 -28.40
C THR B 120 17.99 1.74 -27.41
N TYR B 121 17.37 0.56 -27.49
CA TYR B 121 16.38 0.18 -26.49
C TYR B 121 16.84 -1.01 -25.68
N ILE B 122 16.65 -0.94 -24.35
CA ILE B 122 17.09 -2.01 -23.44
C ILE B 122 15.89 -2.62 -22.70
N GLY B 123 15.74 -3.93 -22.84
CA GLY B 123 14.74 -4.66 -22.10
C GLY B 123 15.27 -5.96 -21.53
N VAL B 124 14.97 -6.20 -20.24
CA VAL B 124 15.31 -7.45 -19.56
C VAL B 124 14.04 -8.29 -19.35
N ASP B 125 14.07 -9.54 -19.82
CA ASP B 125 13.03 -10.53 -19.43
C ASP B 125 13.70 -11.86 -19.10
N GLY B 126 12.92 -12.94 -19.00
CA GLY B 126 13.44 -14.23 -18.63
C GLY B 126 13.01 -14.61 -17.21
N PRO B 127 13.38 -15.83 -16.77
CA PRO B 127 13.03 -16.28 -15.43
C PRO B 127 13.91 -15.53 -14.42
N ASP B 128 13.40 -15.40 -13.20
CA ASP B 128 14.17 -14.78 -12.11
C ASP B 128 15.57 -15.35 -11.89
N ASN B 129 15.75 -16.67 -12.02
CA ASN B 129 17.05 -17.24 -11.73
C ASN B 129 18.05 -17.18 -12.89
N ASN B 130 17.63 -16.64 -14.04
CA ASN B 130 18.49 -16.58 -15.20
C ASN B 130 17.95 -15.61 -16.25
N ALA B 131 17.75 -14.36 -15.81
CA ALA B 131 17.15 -13.33 -16.64
C ALA B 131 18.13 -12.84 -17.73
N LEU B 132 17.61 -12.07 -18.69
CA LEU B 132 18.41 -11.76 -19.87
C LEU B 132 18.24 -10.31 -20.35
N LEU B 133 19.35 -9.60 -20.49
CA LEU B 133 19.28 -8.22 -20.96
C LEU B 133 19.37 -8.21 -22.49
N LYS B 134 18.40 -7.56 -23.15
CA LYS B 134 18.37 -7.51 -24.61
C LYS B 134 18.47 -6.09 -25.08
N ILE B 135 19.19 -5.91 -26.17
CA ILE B 135 19.46 -4.60 -26.76
C ILE B 135 18.93 -4.59 -28.17
N LYS B 136 18.37 -3.46 -28.56
CA LYS B 136 17.80 -3.29 -29.86
C LYS B 136 18.35 -1.96 -30.37
N TYR B 137 18.84 -1.95 -31.60
CA TYR B 137 19.30 -0.70 -32.24
C TYR B 137 18.41 -0.34 -33.41
N GLY B 138 17.51 0.60 -33.19
CA GLY B 138 16.42 0.87 -34.11
C GLY B 138 15.48 -0.33 -34.14
N GLU B 139 15.35 -0.92 -35.32
CA GLU B 139 14.54 -2.10 -35.56
C GLU B 139 15.28 -3.38 -35.20
N ALA B 140 16.61 -3.37 -35.33
CA ALA B 140 17.44 -4.57 -35.20
C ALA B 140 17.70 -4.93 -33.74
N TYR B 141 17.33 -6.17 -33.38
CA TYR B 141 17.80 -6.82 -32.14
C TYR B 141 19.22 -7.19 -32.37
N THR B 142 20.07 -6.88 -31.40
CA THR B 142 21.45 -6.56 -31.67
C THR B 142 22.45 -7.26 -30.70
N ASP B 143 22.16 -7.28 -29.42
CA ASP B 143 23.04 -7.97 -28.45
C ASP B 143 22.27 -8.41 -27.23
N THR B 144 22.87 -9.30 -26.43
CA THR B 144 22.34 -9.63 -25.09
C THR B 144 23.43 -9.67 -24.01
N TYR B 145 22.99 -9.67 -22.75
CA TYR B 145 23.86 -9.80 -21.56
C TYR B 145 23.19 -10.72 -20.55
N HIS B 146 23.99 -11.64 -20.02
CA HIS B 146 23.50 -12.65 -19.09
C HIS B 146 23.60 -12.29 -17.61
N SER B 147 22.67 -12.86 -16.84
CA SER B 147 22.66 -12.86 -15.38
C SER B 147 23.98 -13.38 -14.83
N TYR B 148 24.60 -12.59 -13.95
CA TYR B 148 25.86 -12.96 -13.33
C TYR B 148 25.71 -13.37 -11.87
N ALA B 149 24.54 -13.13 -11.28
CA ALA B 149 24.30 -13.59 -9.91
C ALA B 149 23.00 -14.36 -9.80
N ASN B 150 22.37 -14.67 -10.94
CA ASN B 150 21.15 -15.50 -10.97
C ASN B 150 20.01 -15.09 -10.02
N ASN B 151 19.81 -13.78 -9.86
CA ASN B 151 18.73 -13.28 -9.04
C ASN B 151 18.20 -11.97 -9.61
N ILE B 152 17.39 -12.11 -10.65
CA ILE B 152 16.66 -11.01 -11.26
C ILE B 152 17.62 -9.94 -11.80
N LEU B 153 18.43 -10.28 -12.79
CA LEU B 153 19.18 -9.26 -13.55
C LEU B 153 18.21 -8.12 -13.94
N ARG B 154 18.70 -6.88 -13.92
CA ARG B 154 17.87 -5.71 -13.64
C ARG B 154 18.54 -4.48 -14.23
N THR B 155 17.78 -3.50 -14.71
CA THR B 155 18.39 -2.27 -15.17
C THR B 155 17.77 -0.97 -14.58
N GLN B 156 18.10 0.17 -15.18
CA GLN B 156 17.93 1.49 -14.61
C GLN B 156 16.50 1.98 -14.39
N GLU B 157 15.62 1.66 -15.35
CA GLU B 157 14.25 2.23 -15.48
C GLU B 157 14.34 3.73 -15.76
N SER B 158 15.42 4.11 -16.44
CA SER B 158 15.64 5.50 -16.83
C SER B 158 16.65 5.53 -17.98
N ALA B 159 16.87 6.71 -18.55
CA ALA B 159 17.63 6.81 -19.80
C ALA B 159 19.08 6.35 -19.65
N CYS B 160 19.57 5.56 -20.61
CA CYS B 160 21.01 5.32 -20.69
C CYS B 160 21.69 6.60 -21.19
N ASN B 161 23.00 6.61 -21.34
CA ASN B 161 23.71 7.87 -21.63
C ASN B 161 24.80 7.72 -22.66
N CYS B 162 24.68 8.47 -23.76
CA CYS B 162 25.56 8.26 -24.91
C CYS B 162 26.48 9.45 -25.13
N ILE B 163 27.73 9.18 -25.49
CA ILE B 163 28.72 10.23 -25.76
C ILE B 163 29.69 9.78 -26.87
N GLY B 164 29.77 10.56 -27.95
CA GLY B 164 30.62 10.21 -29.08
C GLY B 164 30.29 8.83 -29.63
N GLY B 165 29.03 8.42 -29.47
CA GLY B 165 28.59 7.11 -29.92
C GLY B 165 28.68 5.98 -28.92
N ASN B 166 29.32 6.22 -27.79
CA ASN B 166 29.38 5.19 -26.73
C ASN B 166 28.31 5.40 -25.68
N CYS B 167 27.44 4.41 -25.51
CA CYS B 167 26.31 4.52 -24.58
C CYS B 167 26.53 3.68 -23.34
N TYR B 168 26.34 4.29 -22.17
CA TYR B 168 26.64 3.64 -20.88
C TYR B 168 25.36 3.32 -20.15
N LEU B 169 25.35 2.15 -19.53
CA LEU B 169 24.19 1.59 -18.88
C LEU B 169 24.55 0.85 -17.56
N MET B 170 23.82 1.16 -16.49
CA MET B 170 23.88 0.43 -15.23
C MET B 170 22.93 -0.77 -15.23
N ILE B 171 23.45 -1.91 -14.78
CA ILE B 171 22.66 -3.12 -14.55
C ILE B 171 23.00 -3.63 -13.14
N THR B 172 22.14 -4.44 -12.54
CA THR B 172 22.52 -5.15 -11.31
C THR B 172 21.89 -6.52 -11.28
N ASP B 173 22.29 -7.33 -10.30
CA ASP B 173 21.84 -8.70 -10.21
C ASP B 173 22.13 -9.09 -8.79
N GLY B 174 21.24 -9.85 -8.16
CA GLY B 174 21.43 -10.28 -6.75
C GLY B 174 20.14 -10.17 -5.93
N SER B 175 20.20 -10.48 -4.64
CA SER B 175 19.02 -10.35 -3.79
C SER B 175 18.65 -8.89 -3.49
N ALA B 176 17.40 -8.52 -3.78
CA ALA B 176 16.86 -7.17 -3.49
C ALA B 176 16.88 -6.90 -1.98
N SER B 177 17.14 -7.97 -1.23
CA SER B 177 17.16 -8.05 0.23
C SER B 177 18.59 -8.09 0.75
N GLY B 178 19.53 -8.42 -0.12
CA GLY B 178 20.88 -8.72 0.30
C GLY B 178 21.87 -7.97 -0.57
N ILE B 179 22.81 -8.70 -1.15
CA ILE B 179 23.88 -8.16 -1.97
C ILE B 179 23.41 -8.11 -3.42
N SER B 180 23.40 -6.90 -3.98
CA SER B 180 23.28 -6.73 -5.42
C SER B 180 24.38 -5.78 -5.93
N GLU B 181 25.49 -6.32 -6.44
CA GLU B 181 26.60 -5.48 -6.95
C GLU B 181 26.37 -5.21 -8.41
N CYS B 182 26.26 -3.93 -8.76
CA CYS B 182 26.02 -3.48 -10.13
C CYS B 182 27.25 -3.50 -11.02
N ARG B 183 27.02 -3.42 -12.34
CA ARG B 183 28.06 -3.26 -13.33
C ARG B 183 27.58 -2.21 -14.31
N PHE B 184 28.50 -1.70 -15.11
CA PHE B 184 28.08 -0.84 -16.20
C PHE B 184 28.45 -1.52 -17.51
N LEU B 185 27.60 -1.34 -18.53
CA LEU B 185 27.90 -1.83 -19.88
C LEU B 185 28.20 -0.64 -20.79
N LYS B 186 29.25 -0.76 -21.60
CA LYS B 186 29.56 0.23 -22.64
C LYS B 186 29.05 -0.37 -23.95
N ILE B 187 28.15 0.37 -24.60
CA ILE B 187 27.36 -0.12 -25.73
C ILE B 187 27.54 0.83 -26.91
N ARG B 188 27.97 0.29 -28.05
CA ARG B 188 28.18 1.10 -29.25
C ARG B 188 27.39 0.49 -30.41
N GLU B 189 26.42 1.26 -30.92
CA GLU B 189 25.56 0.87 -32.04
C GLU B 189 24.87 -0.48 -31.77
N GLY B 190 24.34 -0.60 -30.56
CA GLY B 190 23.60 -1.77 -30.16
C GLY B 190 24.39 -2.93 -29.59
N ARG B 191 25.73 -2.89 -29.67
CA ARG B 191 26.54 -3.98 -29.17
C ARG B 191 27.42 -3.62 -27.99
N ILE B 192 27.58 -4.57 -27.06
CA ILE B 192 28.33 -4.35 -25.83
C ILE B 192 29.81 -4.43 -26.19
N ILE B 193 30.53 -3.34 -26.00
CA ILE B 193 31.96 -3.33 -26.32
C ILE B 193 32.85 -3.37 -25.08
N LYS B 194 32.19 -3.30 -23.93
CA LYS B 194 32.86 -3.65 -22.66
C LYS B 194 32.01 -3.55 -21.42
N GLU B 195 32.48 -4.28 -20.40
CA GLU B 195 31.89 -4.31 -19.09
C GLU B 195 32.85 -3.65 -18.12
N ILE B 196 32.30 -2.73 -17.34
CA ILE B 196 33.01 -1.99 -16.31
C ILE B 196 32.55 -2.46 -14.94
N PHE B 197 33.50 -2.88 -14.12
CA PHE B 197 33.24 -3.35 -12.77
C PHE B 197 33.62 -2.23 -11.79
N PRO B 198 32.62 -1.65 -11.10
CA PRO B 198 32.92 -0.55 -10.20
C PRO B 198 33.71 -1.00 -8.96
N THR B 199 34.41 -0.06 -8.33
CA THR B 199 35.17 -0.28 -7.10
C THR B 199 34.55 0.60 -5.99
N GLY B 200 34.92 0.32 -4.74
CA GLY B 200 34.47 1.11 -3.60
C GLY B 200 33.29 0.50 -2.84
N ARG B 201 32.29 1.32 -2.56
CA ARG B 201 31.13 0.84 -1.79
C ARG B 201 30.17 0.20 -2.79
N VAL B 202 30.27 -1.12 -2.90
N VAL B 202 30.29 -1.11 -2.98
CA VAL B 202 29.70 -1.85 -4.03
CA VAL B 202 29.58 -1.81 -4.09
C VAL B 202 28.72 -2.95 -3.62
C VAL B 202 28.47 -2.74 -3.65
N LYS B 203 28.35 -2.99 -2.34
CA LYS B 203 27.47 -4.09 -1.81
C LYS B 203 25.96 -4.05 -2.19
N HIS B 204 25.44 -2.88 -2.55
CA HIS B 204 24.07 -2.83 -3.03
C HIS B 204 23.72 -1.56 -3.79
N THR B 205 23.47 -1.72 -5.07
CA THR B 205 23.29 -0.59 -6.00
C THR B 205 22.28 -0.95 -7.04
N GLU B 206 21.16 -0.20 -7.03
CA GLU B 206 19.98 -0.47 -7.87
C GLU B 206 19.42 0.78 -8.53
N GLU B 207 18.92 0.59 -9.75
CA GLU B 207 18.10 1.58 -10.47
C GLU B 207 18.79 2.92 -10.54
N CYS B 208 20.07 2.94 -10.95
CA CYS B 208 20.83 4.18 -11.02
C CYS B 208 20.20 5.21 -11.98
N THR B 209 20.13 6.46 -11.54
CA THR B 209 19.70 7.56 -12.37
C THR B 209 20.97 8.31 -12.73
N CYS B 210 21.36 8.23 -14.00
CA CYS B 210 22.67 8.64 -14.48
C CYS B 210 22.58 9.76 -15.48
N GLY B 211 23.59 10.62 -15.44
CA GLY B 211 23.70 11.72 -16.38
C GLY B 211 25.14 12.16 -16.49
N PHE B 212 25.39 13.12 -17.38
CA PHE B 212 26.72 13.64 -17.54
C PHE B 212 26.97 14.85 -16.62
N ALA B 213 27.98 14.72 -15.74
CA ALA B 213 28.59 15.89 -15.06
C ALA B 213 29.50 16.70 -15.99
N SER B 214 30.02 16.04 -17.03
CA SER B 214 30.93 16.68 -18.03
C SER B 214 31.19 15.70 -19.18
N ASN B 215 32.15 16.06 -20.04
CA ASN B 215 32.58 15.14 -21.09
C ASN B 215 33.47 13.99 -20.61
N LYS B 216 33.98 14.06 -19.38
CA LYS B 216 34.80 12.96 -18.86
C LYS B 216 34.02 12.05 -17.91
N THR B 217 32.98 12.58 -17.25
CA THR B 217 32.33 11.86 -16.17
C THR B 217 30.80 11.73 -16.26
N ILE B 218 30.33 10.53 -15.99
CA ILE B 218 28.92 10.24 -15.80
C ILE B 218 28.78 10.07 -14.31
N GLU B 219 27.69 10.60 -13.76
CA GLU B 219 27.34 10.39 -12.35
C GLU B 219 25.95 9.80 -12.22
N CYS B 220 25.78 8.95 -11.22
CA CYS B 220 24.50 8.31 -10.95
C CYS B 220 24.20 8.40 -9.49
N ALA B 221 22.91 8.60 -9.18
CA ALA B 221 22.39 8.50 -7.84
C ALA B 221 21.47 7.27 -7.85
N CYS B 222 21.70 6.34 -6.93
CA CYS B 222 21.08 5.01 -7.04
C CYS B 222 20.27 4.64 -5.80
N ARG B 223 19.74 3.42 -5.77
CA ARG B 223 18.99 2.93 -4.61
C ARG B 223 19.72 1.76 -3.96
N ASP B 224 19.90 1.83 -2.64
CA ASP B 224 20.21 0.65 -1.83
C ASP B 224 18.93 0.10 -1.20
N ASN B 225 18.45 -1.05 -1.70
CA ASN B 225 17.18 -1.58 -1.25
C ASN B 225 17.25 -2.36 0.08
N SER B 226 18.46 -2.50 0.65
CA SER B 226 18.65 -3.27 1.87
C SER B 226 19.27 -2.56 3.07
N TYR B 227 20.34 -1.80 2.87
CA TYR B 227 21.20 -1.40 3.98
C TYR B 227 21.16 0.08 4.46
N THR B 228 20.70 0.98 3.60
CA THR B 228 20.82 2.41 3.90
C THR B 228 19.81 3.27 3.13
N ALA B 229 19.40 4.37 3.76
CA ALA B 229 18.53 5.40 3.19
C ALA B 229 19.37 6.43 2.45
N LYS B 230 20.70 6.36 2.64
CA LYS B 230 21.63 7.12 1.82
C LYS B 230 21.72 6.50 0.42
N ARG B 231 21.76 7.31 -0.63
CA ARG B 231 21.83 6.79 -1.99
C ARG B 231 23.28 6.49 -2.38
N PRO B 232 23.57 5.27 -2.84
CA PRO B 232 24.86 5.03 -3.48
C PRO B 232 25.07 6.00 -4.65
N PHE B 233 26.25 6.60 -4.69
CA PHE B 233 26.50 7.62 -5.66
C PHE B 233 27.65 7.18 -6.57
N VAL B 234 27.34 6.98 -7.85
CA VAL B 234 28.35 6.44 -8.78
C VAL B 234 29.05 7.55 -9.54
N LYS B 235 30.38 7.44 -9.69
CA LYS B 235 31.14 8.35 -10.56
C LYS B 235 31.89 7.54 -11.62
N LEU B 236 31.48 7.68 -12.87
CA LEU B 236 32.04 6.88 -13.97
C LEU B 236 32.85 7.73 -14.91
N ASN B 237 34.14 7.42 -15.01
CA ASN B 237 35.04 8.12 -15.91
C ASN B 237 35.01 7.48 -17.32
N VAL B 238 34.45 8.20 -18.30
CA VAL B 238 34.35 7.66 -19.67
C VAL B 238 35.63 7.78 -20.52
N GLU B 239 36.64 8.48 -20.01
CA GLU B 239 37.95 8.45 -20.67
C GLU B 239 38.66 7.13 -20.40
N THR B 240 38.58 6.64 -19.16
CA THR B 240 39.28 5.43 -18.78
C THR B 240 38.36 4.23 -18.56
N ASP B 241 37.05 4.44 -18.70
CA ASP B 241 36.05 3.40 -18.45
C ASP B 241 36.26 2.72 -17.10
N THR B 242 36.38 3.52 -16.06
CA THR B 242 36.43 2.97 -14.72
C THR B 242 35.39 3.70 -13.92
N ALA B 243 34.90 3.04 -12.87
CA ALA B 243 33.84 3.59 -12.04
C ALA B 243 34.14 3.32 -10.56
N GLU B 244 33.71 4.27 -9.72
CA GLU B 244 33.80 4.16 -8.26
C GLU B 244 32.44 4.50 -7.65
N ILE B 245 32.11 3.87 -6.54
CA ILE B 245 30.84 4.15 -5.86
C ILE B 245 31.13 4.43 -4.39
N ARG B 246 30.53 5.50 -3.86
CA ARG B 246 30.47 5.80 -2.41
C ARG B 246 29.06 6.31 -2.08
N LEU B 247 28.64 6.22 -0.81
CA LEU B 247 27.36 6.80 -0.38
C LEU B 247 27.40 8.31 -0.39
N MET B 248 26.26 8.91 -0.72
CA MET B 248 26.07 10.36 -0.59
C MET B 248 26.18 10.73 0.87
N CYS B 249 26.95 11.76 1.16
CA CYS B 249 27.16 12.16 2.54
C CYS B 249 26.13 13.13 3.09
N THR B 250 25.36 13.77 2.20
CA THR B 250 24.40 14.77 2.64
C THR B 250 23.46 14.19 3.70
N GLU B 251 23.18 15.04 4.70
CA GLU B 251 22.17 14.77 5.72
C GLU B 251 20.76 14.68 5.11
N THR B 252 20.58 15.22 3.90
CA THR B 252 19.25 15.20 3.22
C THR B 252 19.10 13.85 2.49
N TYR B 253 18.89 12.76 3.25
CA TYR B 253 18.85 11.38 2.69
C TYR B 253 17.73 11.24 1.65
N LEU B 254 18.03 10.68 0.49
CA LEU B 254 17.12 10.83 -0.64
C LEU B 254 16.24 9.60 -0.90
N ASP B 255 16.46 8.51 -0.14
CA ASP B 255 15.63 7.30 -0.27
C ASP B 255 14.34 7.32 0.56
N THR B 256 13.42 6.40 0.27
CA THR B 256 12.18 6.17 1.02
C THR B 256 11.97 4.66 1.17
N PRO B 257 11.86 4.16 2.44
CA PRO B 257 11.83 4.90 3.69
C PRO B 257 13.17 5.51 4.08
N ARG B 258 13.15 6.42 5.05
CA ARG B 258 14.37 7.02 5.60
C ARG B 258 14.09 7.51 7.00
N PRO B 259 15.15 7.64 7.82
CA PRO B 259 15.06 8.29 9.11
C PRO B 259 15.07 9.82 8.93
N ASP B 260 14.87 10.56 10.01
CA ASP B 260 14.96 12.01 9.98
C ASP B 260 16.30 12.45 9.40
N ASP B 261 16.28 13.58 8.67
CA ASP B 261 17.52 14.18 8.12
C ASP B 261 18.57 14.37 9.22
N GLY B 262 19.78 13.88 8.99
CA GLY B 262 20.89 14.15 9.93
C GLY B 262 21.02 13.14 11.06
N SER B 263 20.00 12.32 11.27
CA SER B 263 19.97 11.40 12.41
C SER B 263 20.96 10.22 12.26
N ILE B 264 21.53 10.05 11.06
CA ILE B 264 22.50 8.99 10.83
C ILE B 264 23.86 9.44 11.31
N THR B 265 24.20 8.84 12.43
CA THR B 265 25.35 9.15 13.20
C THR B 265 26.64 8.70 12.49
N GLY B 266 27.71 9.47 12.67
CA GLY B 266 29.06 9.09 12.24
C GLY B 266 29.51 9.69 10.92
N PRO B 267 30.62 9.17 10.35
CA PRO B 267 31.22 9.71 9.14
C PRO B 267 30.35 9.45 7.89
N CYS B 268 30.77 9.97 6.73
CA CYS B 268 29.99 9.86 5.49
C CYS B 268 29.57 8.45 5.14
N GLU B 269 30.46 7.49 5.37
CA GLU B 269 30.24 6.09 4.98
C GLU B 269 29.26 5.29 5.88
N SER B 270 28.75 5.90 6.95
CA SER B 270 27.82 5.21 7.86
C SER B 270 26.49 4.88 7.22
N ASN B 271 26.11 3.61 7.31
CA ASN B 271 24.86 3.13 6.73
C ASN B 271 23.61 3.65 7.45
N GLY B 272 23.64 3.60 8.79
CA GLY B 272 22.51 4.02 9.60
C GLY B 272 21.35 3.05 9.60
N ASP B 273 20.19 3.50 10.10
CA ASP B 273 19.00 2.64 10.18
C ASP B 273 17.84 3.12 9.31
N LYS B 274 16.75 2.37 9.40
CA LYS B 274 15.54 2.58 8.58
C LYS B 274 15.88 2.67 7.08
N GLY B 275 16.90 1.87 6.70
CA GLY B 275 17.42 1.75 5.33
C GLY B 275 16.89 0.56 4.53
N SER B 276 16.04 -0.25 5.14
CA SER B 276 15.42 -1.38 4.45
C SER B 276 14.35 -0.89 3.48
N GLY B 277 14.39 -1.40 2.25
CA GLY B 277 13.51 -0.89 1.20
C GLY B 277 14.09 0.30 0.46
N GLY B 278 13.27 0.98 -0.34
CA GLY B 278 13.78 2.09 -1.14
C GLY B 278 12.94 2.47 -2.34
N ILE B 279 13.48 3.39 -3.14
CA ILE B 279 12.75 3.98 -4.27
C ILE B 279 13.77 4.51 -5.30
N LYS B 280 13.44 4.42 -6.57
CA LYS B 280 14.32 5.03 -7.58
C LYS B 280 14.20 6.55 -7.43
N GLY B 281 15.36 7.22 -7.44
CA GLY B 281 15.45 8.70 -7.25
C GLY B 281 15.83 9.52 -8.50
N GLY B 282 15.22 10.70 -8.64
CA GLY B 282 15.54 11.57 -9.75
C GLY B 282 16.81 12.33 -9.40
N PHE B 283 17.55 12.63 -10.46
CA PHE B 283 18.83 13.27 -10.36
C PHE B 283 19.12 13.76 -11.77
N VAL B 284 19.60 15.00 -11.90
CA VAL B 284 19.94 15.59 -13.20
C VAL B 284 20.99 16.68 -13.01
N HIS B 285 21.88 16.83 -13.98
CA HIS B 285 22.92 17.86 -13.93
C HIS B 285 22.54 19.14 -14.64
N GLN B 286 22.95 20.26 -14.04
CA GLN B 286 22.99 21.55 -14.70
C GLN B 286 24.47 21.96 -14.88
N ARG B 287 24.93 21.87 -16.12
CA ARG B 287 26.33 22.13 -16.45
C ARG B 287 26.54 23.57 -16.91
N MET B 288 27.18 24.35 -16.05
CA MET B 288 27.53 25.73 -16.36
C MET B 288 29.03 25.83 -16.60
N ALA B 289 29.47 26.94 -17.18
CA ALA B 289 30.88 27.18 -17.56
C ALA B 289 31.90 27.00 -16.43
N SER B 290 31.53 27.36 -15.22
CA SER B 290 32.49 27.27 -14.11
C SER B 290 31.84 26.78 -12.81
N LYS B 291 30.71 26.10 -12.95
CA LYS B 291 29.93 25.63 -11.82
C LYS B 291 29.03 24.45 -12.26
N ILE B 292 28.91 23.46 -11.39
CA ILE B 292 28.01 22.35 -11.63
C ILE B 292 26.84 22.39 -10.61
N GLY B 293 25.62 22.27 -11.13
CA GLY B 293 24.41 22.08 -10.32
C GLY B 293 23.91 20.62 -10.34
N ARG B 294 23.64 20.09 -9.16
CA ARG B 294 23.03 18.73 -9.06
C ARG B 294 21.67 18.84 -8.42
N TRP B 295 20.66 18.47 -9.21
CA TRP B 295 19.30 18.54 -8.79
C TRP B 295 18.86 17.12 -8.49
N TYR B 296 18.10 16.96 -7.41
CA TYR B 296 17.62 15.64 -6.93
C TYR B 296 16.17 15.75 -6.51
N SER B 297 15.45 14.62 -6.50
CA SER B 297 14.09 14.61 -5.88
C SER B 297 13.93 13.52 -4.83
N ARG B 298 13.13 13.80 -3.82
CA ARG B 298 12.75 12.77 -2.86
C ARG B 298 11.32 12.99 -2.43
N THR B 299 10.71 11.92 -1.93
CA THR B 299 9.33 11.99 -1.48
C THR B 299 9.20 13.01 -0.34
N MET B 300 8.03 13.62 -0.20
CA MET B 300 7.75 14.46 0.97
C MET B 300 7.60 13.58 2.23
N SER B 301 6.96 12.42 2.11
CA SER B 301 6.87 11.51 3.26
C SER B 301 8.22 10.81 3.45
N LYS B 302 8.68 10.70 4.69
CA LYS B 302 9.92 9.98 4.99
C LYS B 302 9.77 8.47 4.89
N THR B 303 8.52 8.02 4.96
CA THR B 303 8.13 6.62 5.10
C THR B 303 7.38 6.06 3.87
N LYS B 304 6.38 6.84 3.39
CA LYS B 304 5.46 6.40 2.35
C LYS B 304 5.76 7.09 1.02
N ARG B 305 5.34 6.46 -0.07
CA ARG B 305 5.53 6.99 -1.41
C ARG B 305 4.50 8.08 -1.71
N MET B 306 4.54 9.13 -0.91
CA MET B 306 3.59 10.22 -0.99
C MET B 306 4.38 11.51 -1.19
N GLY B 307 4.00 12.31 -2.19
CA GLY B 307 4.64 13.62 -2.39
C GLY B 307 5.99 13.55 -3.04
N MET B 308 6.51 14.69 -3.46
CA MET B 308 7.83 14.77 -4.10
C MET B 308 8.38 16.19 -4.05
N GLY B 309 9.61 16.33 -3.55
CA GLY B 309 10.26 17.63 -3.41
C GLY B 309 11.51 17.66 -4.24
N LEU B 310 11.86 18.85 -4.75
CA LEU B 310 13.05 19.02 -5.55
C LEU B 310 14.16 19.70 -4.75
N TYR B 311 15.40 19.21 -4.90
CA TYR B 311 16.54 19.75 -4.17
C TYR B 311 17.69 20.09 -5.11
N VAL B 312 18.51 21.05 -4.69
CA VAL B 312 19.75 21.41 -5.38
C VAL B 312 20.96 21.54 -4.49
N LYS B 313 22.12 21.27 -5.08
CA LYS B 313 23.42 21.58 -4.49
C LYS B 313 24.34 22.00 -5.62
N TYR B 314 25.01 23.15 -5.46
CA TYR B 314 26.04 23.55 -6.43
C TYR B 314 27.45 23.14 -6.00
N ASP B 315 28.24 22.65 -6.96
CA ASP B 315 29.62 22.24 -6.74
C ASP B 315 29.77 21.28 -5.57
N GLY B 316 30.91 21.33 -4.89
CA GLY B 316 31.20 20.38 -3.81
C GLY B 316 31.42 18.98 -4.38
N ASP B 317 31.29 17.97 -3.51
CA ASP B 317 31.58 16.56 -3.84
C ASP B 317 30.60 15.69 -3.02
N PRO B 318 29.58 15.11 -3.71
CA PRO B 318 28.49 14.40 -3.02
C PRO B 318 28.99 13.30 -2.06
N TRP B 319 30.22 12.80 -2.30
CA TRP B 319 30.83 11.79 -1.42
C TRP B 319 31.29 12.32 -0.06
N THR B 320 31.59 13.61 0.00
CA THR B 320 32.19 14.19 1.21
C THR B 320 31.35 15.31 1.84
N ASP B 321 30.30 15.77 1.16
CA ASP B 321 29.52 16.90 1.63
C ASP B 321 28.41 16.53 2.61
N SER B 322 28.56 16.95 3.87
CA SER B 322 27.61 16.55 4.88
C SER B 322 26.45 17.52 5.02
N ASP B 323 26.58 18.70 4.42
CA ASP B 323 25.55 19.74 4.56
C ASP B 323 24.24 19.37 3.86
N ALA B 324 23.19 20.09 4.20
CA ALA B 324 21.87 19.78 3.67
C ALA B 324 21.81 20.21 2.21
N LEU B 325 21.02 19.49 1.41
CA LEU B 325 20.61 19.99 0.09
C LEU B 325 19.63 21.15 0.29
N ALA B 326 19.58 22.10 -0.63
CA ALA B 326 18.59 23.20 -0.55
C ALA B 326 17.25 22.77 -1.18
N LEU B 327 16.17 22.85 -0.39
CA LEU B 327 14.80 22.52 -0.85
C LEU B 327 14.45 23.55 -1.88
N SER B 328 14.02 23.12 -3.04
CA SER B 328 13.80 24.09 -4.08
C SER B 328 12.30 24.28 -4.35
N GLY B 329 11.51 23.22 -4.18
CA GLY B 329 10.04 23.31 -4.24
C GLY B 329 9.35 21.98 -4.06
N VAL B 330 8.04 22.04 -3.81
CA VAL B 330 7.21 20.84 -3.77
C VAL B 330 6.58 20.64 -5.15
N MET B 331 7.01 19.57 -5.81
CA MET B 331 6.50 19.23 -7.12
C MET B 331 5.20 18.46 -6.96
N VAL B 332 5.15 17.60 -5.97
CA VAL B 332 3.98 16.80 -5.69
C VAL B 332 3.76 16.88 -4.22
N SER B 333 2.53 17.25 -3.84
CA SER B 333 2.17 17.38 -2.43
C SER B 333 2.05 16.04 -1.72
N MET B 334 2.04 16.12 -0.39
CA MET B 334 2.03 14.99 0.51
C MET B 334 0.74 14.16 0.37
N GLU B 335 -0.31 14.78 -0.19
CA GLU B 335 -1.60 14.10 -0.40
C GLU B 335 -1.69 13.34 -1.71
N GLU B 336 -0.70 13.50 -2.58
CA GLU B 336 -0.65 12.82 -3.87
C GLU B 336 0.43 11.74 -3.91
N PRO B 337 0.21 10.67 -4.71
CA PRO B 337 1.25 9.62 -4.85
C PRO B 337 2.55 10.17 -5.47
N GLY B 338 3.69 9.83 -4.90
CA GLY B 338 5.01 10.19 -5.43
C GLY B 338 5.81 8.91 -5.41
N TRP B 339 6.02 8.30 -6.59
CA TRP B 339 6.67 6.98 -6.66
C TRP B 339 8.07 7.14 -7.27
N TYR B 340 8.39 6.45 -8.37
CA TYR B 340 9.73 6.57 -8.95
C TYR B 340 9.95 7.95 -9.54
N SER B 341 11.19 8.39 -9.60
CA SER B 341 11.49 9.65 -10.26
C SER B 341 12.84 9.50 -10.96
N PHE B 342 13.10 10.36 -11.94
CA PHE B 342 14.17 10.11 -12.87
C PHE B 342 14.60 11.43 -13.46
N GLY B 343 15.85 11.53 -13.91
CA GLY B 343 16.26 12.70 -14.68
C GLY B 343 16.31 12.43 -16.18
N PHE B 344 16.23 13.50 -16.98
CA PHE B 344 16.52 13.43 -18.42
C PHE B 344 16.83 14.84 -18.90
N GLU B 345 17.30 14.94 -20.14
CA GLU B 345 17.71 16.21 -20.73
C GLU B 345 17.09 16.43 -22.13
N ILE B 346 16.37 17.54 -22.31
CA ILE B 346 15.87 17.97 -23.62
C ILE B 346 16.96 18.73 -24.40
N LYS B 347 17.05 18.47 -25.69
CA LYS B 347 18.02 19.16 -26.54
C LYS B 347 17.38 20.38 -27.18
N ASP B 348 17.71 21.57 -26.66
CA ASP B 348 17.44 22.85 -27.34
C ASP B 348 18.43 22.94 -28.50
N LYS B 349 18.45 24.08 -29.19
CA LYS B 349 19.23 24.25 -30.41
C LYS B 349 20.74 24.22 -30.14
N LYS B 350 21.15 24.91 -29.09
CA LYS B 350 22.57 25.08 -28.78
C LYS B 350 22.93 24.59 -27.36
N CYS B 351 21.94 24.07 -26.63
CA CYS B 351 22.12 23.74 -25.20
C CYS B 351 21.10 22.71 -24.71
N ASP B 352 21.41 22.11 -23.57
CA ASP B 352 20.61 21.03 -22.98
C ASP B 352 19.78 21.52 -21.77
N VAL B 353 18.49 21.20 -21.77
CA VAL B 353 17.59 21.53 -20.68
C VAL B 353 17.48 20.37 -19.69
N PRO B 354 17.95 20.56 -18.43
CA PRO B 354 17.80 19.43 -17.51
C PRO B 354 16.35 19.38 -16.96
N CYS B 355 15.80 18.17 -16.81
CA CYS B 355 14.45 17.95 -16.24
C CYS B 355 14.39 16.76 -15.24
N ILE B 356 13.35 16.77 -14.39
CA ILE B 356 13.02 15.60 -13.53
C ILE B 356 11.61 15.12 -13.88
N GLY B 357 11.44 13.82 -14.02
CA GLY B 357 10.11 13.23 -14.16
C GLY B 357 9.73 12.45 -12.92
N ILE B 358 8.44 12.40 -12.62
CA ILE B 358 7.94 11.75 -11.42
C ILE B 358 6.87 10.77 -11.84
N GLU B 359 7.03 9.50 -11.48
CA GLU B 359 5.96 8.53 -11.67
C GLU B 359 4.98 8.71 -10.52
N MET B 360 3.70 8.86 -10.86
CA MET B 360 2.63 9.06 -9.89
C MET B 360 1.63 7.89 -9.97
N VAL B 361 1.85 6.88 -9.14
CA VAL B 361 1.15 5.59 -9.29
C VAL B 361 -0.26 5.70 -8.69
N HIS B 362 -1.23 5.12 -9.41
CA HIS B 362 -2.59 4.94 -8.92
C HIS B 362 -2.60 3.60 -8.20
N ASP B 363 -2.66 3.67 -6.87
CA ASP B 363 -2.49 2.50 -6.03
C ASP B 363 -3.75 2.27 -5.20
N GLY B 364 -4.52 1.26 -5.60
CA GLY B 364 -5.66 0.76 -4.84
C GLY B 364 -5.44 -0.68 -4.44
N GLY B 365 -4.17 -1.10 -4.36
CA GLY B 365 -3.82 -2.50 -4.07
C GLY B 365 -3.99 -3.48 -5.22
N LYS B 366 -3.80 -4.77 -4.92
CA LYS B 366 -3.70 -5.79 -5.98
C LYS B 366 -5.03 -6.15 -6.60
N GLU B 367 -6.12 -5.77 -5.96
CA GLU B 367 -7.43 -6.16 -6.46
C GLU B 367 -8.07 -5.20 -7.49
N THR B 368 -7.42 -4.07 -7.79
CA THR B 368 -7.83 -3.16 -8.89
C THR B 368 -6.67 -2.90 -9.86
N TRP B 369 -6.94 -2.17 -10.92
CA TRP B 369 -5.85 -1.84 -11.86
C TRP B 369 -4.75 -1.04 -11.14
N HIS B 370 -3.51 -1.17 -11.62
CA HIS B 370 -2.36 -0.52 -11.02
C HIS B 370 -1.55 0.12 -12.16
N SER B 371 -1.57 1.45 -12.23
CA SER B 371 -0.90 2.16 -13.29
C SER B 371 -0.42 3.51 -12.75
N ALA B 372 0.06 4.37 -13.63
CA ALA B 372 0.71 5.60 -13.20
C ALA B 372 0.54 6.71 -14.21
N ALA B 373 0.46 7.94 -13.67
CA ALA B 373 0.67 9.17 -14.41
C ALA B 373 2.15 9.51 -14.31
N THR B 374 2.62 10.36 -15.23
CA THR B 374 3.98 10.89 -15.20
C THR B 374 3.95 12.42 -15.17
N ALA B 375 4.65 13.04 -14.21
CA ALA B 375 4.82 14.53 -14.14
C ALA B 375 6.21 15.01 -14.55
N ILE B 376 6.27 16.16 -15.22
CA ILE B 376 7.55 16.71 -15.69
C ILE B 376 7.72 18.14 -15.20
N TYR B 377 8.91 18.37 -14.61
CA TYR B 377 9.45 19.66 -14.16
C TYR B 377 10.81 19.81 -14.84
N CYS B 378 11.07 20.98 -15.42
CA CYS B 378 12.32 21.27 -16.11
C CYS B 378 12.87 22.59 -15.63
N LEU B 379 14.19 22.74 -15.76
CA LEU B 379 14.86 24.03 -15.56
C LEU B 379 14.33 25.04 -16.56
N MET B 380 13.83 26.18 -16.05
CA MET B 380 13.38 27.29 -16.89
C MET B 380 13.25 28.62 -16.11
N GLY B 381 13.98 29.63 -16.59
CA GLY B 381 13.98 30.96 -15.96
C GLY B 381 14.49 31.07 -14.53
N SER B 382 14.03 32.11 -13.82
CA SER B 382 14.53 32.49 -12.47
C SER B 382 13.45 32.36 -11.43
N GLY B 383 13.85 32.53 -10.18
CA GLY B 383 12.90 32.70 -9.11
C GLY B 383 12.77 31.39 -8.39
N GLN B 384 11.53 30.97 -8.20
CA GLN B 384 11.21 29.91 -7.26
C GLN B 384 10.21 29.00 -7.96
N LEU B 385 10.26 27.72 -7.63
CA LEU B 385 9.33 26.76 -8.15
C LEU B 385 7.89 27.10 -7.67
N LEU B 386 6.95 27.20 -8.61
CA LEU B 386 5.64 27.77 -8.29
C LEU B 386 4.37 26.90 -8.07
N TRP B 387 4.31 25.70 -8.64
N TRP B 387 4.28 25.72 -8.67
CA TRP B 387 3.06 24.94 -8.71
CA TRP B 387 3.04 24.95 -8.58
C TRP B 387 3.31 23.44 -8.55
C TRP B 387 3.29 23.45 -8.55
N ASP B 388 2.37 22.74 -7.92
CA ASP B 388 2.48 21.30 -7.76
C ASP B 388 1.61 20.56 -8.78
N THR B 389 1.80 19.24 -8.82
CA THR B 389 1.09 18.42 -9.78
C THR B 389 0.16 17.43 -9.09
N VAL B 390 -1.07 17.38 -9.61
CA VAL B 390 -2.02 16.38 -9.15
CA VAL B 390 -2.10 16.46 -9.15
C VAL B 390 -2.42 15.49 -10.33
N THR B 391 -2.85 14.24 -10.06
CA THR B 391 -3.21 13.36 -11.19
C THR B 391 -4.62 13.56 -11.72
N GLY B 392 -5.51 13.99 -10.82
CA GLY B 392 -6.92 14.20 -11.16
C GLY B 392 -7.73 12.92 -11.32
N VAL B 393 -7.12 11.77 -11.03
CA VAL B 393 -7.77 10.49 -11.26
C VAL B 393 -8.54 9.93 -10.06
N ASP B 394 -9.83 9.70 -10.25
CA ASP B 394 -10.65 8.92 -9.31
C ASP B 394 -10.64 7.47 -9.79
N MET B 395 -9.92 6.62 -9.05
CA MET B 395 -9.79 5.19 -9.36
C MET B 395 -11.11 4.40 -9.24
N ALA B 396 -12.15 4.98 -8.66
CA ALA B 396 -13.46 4.32 -8.68
C ALA B 396 -14.24 4.43 -10.01
N LEU B 397 -13.77 5.27 -10.94
CA LEU B 397 -14.50 5.54 -12.21
C LEU B 397 -14.12 4.62 -13.38
#